data_2R9X
#
_entry.id   2R9X
#
_cell.length_a   118.857
_cell.length_b   76.737
_cell.length_c   97.671
_cell.angle_alpha   90.000
_cell.angle_beta   116.560
_cell.angle_gamma   90.000
#
_symmetry.space_group_name_H-M   'C 1 2 1'
#
loop_
_entity.id
_entity.type
_entity.pdbx_description
1 polymer Beta-lactamase
2 non-polymer 'PHOSPHATE ION'
3 non-polymer '2-[(1R)-2-carboxy-1-(naphthalen-1-ylmethyl)ethyl]-1,3-dioxo-2,3-dihydro-1H-isoindole-5-carboxylic acid'
4 non-polymer 'DIMETHYL SULFOXIDE'
5 water water
#
_entity_poly.entity_id   1
_entity_poly.type   'polypeptide(L)'
_entity_poly.pdbx_seq_one_letter_code
;APQQINDIVHRTITPLIEQQKIPGMAVAVIYQGKPYYFTWGYADIAKKQPVTQQTLFELGSVSKTFTGVLGGDAIARGEI
KLSDPTTKYWPELTAKQWNGITLLHLATYTAGGLPLQVPDEVKSSSDLLRFYQNWQPAWAPGTQRLYANSSIGLFGALAV
KPSGLSFEQAMQTRVFQPLKLNHTWINVPPAEEKNYAWGYREGKAVHVSPGALDAEAYGVKSTIEDMARWVQSNLKPLDI
NEKTLQQGIQLAQSRYWQTGDMYQGLGWEMLDWPVNPDSIINGSDNKIALAARPVKAITPPTPAVRASWVHKTGATGGFG
SYVAFIPEKELGIVMLANKNYPNPARVDAAWQILNALQ
;
_entity_poly.pdbx_strand_id   A,B
#
loop_
_chem_comp.id
_chem_comp.type
_chem_comp.name
_chem_comp.formula
DMS non-polymer 'DIMETHYL SULFOXIDE' 'C2 H6 O S'
PO4 non-polymer 'PHOSPHATE ION' 'O4 P -3'
WH6 non-polymer '2-[(1R)-2-carboxy-1-(naphthalen-1-ylmethyl)ethyl]-1,3-dioxo-2,3-dihydro-1H-isoindole-5-carboxylic acid' 'C23 H17 N O6'
#
# COMPACT_ATOMS: atom_id res chain seq x y z
N ALA A 1 -37.72 8.20 5.96
CA ALA A 1 -36.33 8.73 5.79
C ALA A 1 -36.28 10.22 6.16
N PRO A 2 -35.07 10.77 6.39
CA PRO A 2 -34.93 12.21 6.57
C PRO A 2 -35.48 12.95 5.35
N GLN A 3 -36.25 14.01 5.59
CA GLN A 3 -36.89 14.74 4.51
C GLN A 3 -35.87 15.30 3.52
N GLN A 4 -34.69 15.70 4.04
CA GLN A 4 -33.65 16.27 3.17
C GLN A 4 -33.27 15.29 2.07
N ILE A 5 -33.08 14.03 2.47
CA ILE A 5 -32.71 12.95 1.53
C ILE A 5 -33.85 12.69 0.54
N ASN A 6 -35.06 12.55 1.08
CA ASN A 6 -36.24 12.34 0.27
CA ASN A 6 -36.24 12.33 0.26
C ASN A 6 -36.37 13.44 -0.79
N ASP A 7 -36.29 14.68 -0.35
CA ASP A 7 -36.49 15.82 -1.24
C ASP A 7 -35.39 15.95 -2.27
N ILE A 8 -34.11 15.87 -1.87
CA ILE A 8 -33.04 15.97 -2.92
C ILE A 8 -33.11 14.82 -3.91
N VAL A 9 -33.32 13.60 -3.42
CA VAL A 9 -33.36 12.47 -4.35
C VAL A 9 -34.52 12.63 -5.34
N HIS A 10 -35.75 12.80 -4.84
CA HIS A 10 -36.90 12.93 -5.75
C HIS A 10 -36.86 14.11 -6.67
N ARG A 11 -36.38 15.25 -6.19
CA ARG A 11 -36.30 16.44 -7.04
CA ARG A 11 -36.25 16.47 -7.00
C ARG A 11 -35.28 16.30 -8.16
N THR A 12 -34.24 15.49 -7.93
CA THR A 12 -33.22 15.27 -8.96
C THR A 12 -33.58 14.12 -9.88
N ILE A 13 -34.05 13.00 -9.31
CA ILE A 13 -34.30 11.79 -10.08
C ILE A 13 -35.61 11.87 -10.92
N THR A 14 -36.68 12.44 -10.38
CA THR A 14 -37.93 12.50 -11.16
C THR A 14 -37.76 13.14 -12.57
N PRO A 15 -37.17 14.34 -12.65
CA PRO A 15 -36.93 14.96 -13.95
C PRO A 15 -35.94 14.19 -14.83
N LEU A 16 -34.93 13.57 -14.20
CA LEU A 16 -33.98 12.70 -14.93
C LEU A 16 -34.74 11.58 -15.66
N ILE A 17 -35.60 10.89 -14.92
CA ILE A 17 -36.35 9.79 -15.50
C ILE A 17 -37.24 10.28 -16.64
N GLU A 18 -37.89 11.42 -16.41
CA GLU A 18 -38.77 12.04 -17.41
CA GLU A 18 -38.77 12.05 -17.41
C GLU A 18 -37.98 12.44 -18.65
N GLN A 19 -36.90 13.18 -18.45
CA GLN A 19 -36.04 13.64 -19.55
C GLN A 19 -35.45 12.49 -20.36
N GLN A 20 -35.00 11.43 -19.68
CA GLN A 20 -34.22 10.36 -20.32
C GLN A 20 -35.08 9.16 -20.72
N LYS A 21 -36.38 9.25 -20.43
CA LYS A 21 -37.35 8.18 -20.69
C LYS A 21 -36.88 6.84 -20.12
N ILE A 22 -36.45 6.88 -18.87
CA ILE A 22 -35.98 5.68 -18.16
C ILE A 22 -37.17 4.82 -17.70
N PRO A 23 -37.25 3.57 -18.17
CA PRO A 23 -38.40 2.72 -17.76
C PRO A 23 -38.48 2.41 -16.28
N GLY A 24 -37.32 2.16 -15.67
CA GLY A 24 -37.22 1.75 -14.31
C GLY A 24 -35.90 2.16 -13.68
N MET A 25 -35.94 2.49 -12.40
CA MET A 25 -34.76 2.97 -11.72
C MET A 25 -34.76 2.65 -10.24
N ALA A 26 -33.58 2.34 -9.71
CA ALA A 26 -33.38 2.22 -8.28
C ALA A 26 -32.20 3.09 -7.88
N VAL A 27 -32.37 3.72 -6.74
CA VAL A 27 -31.34 4.63 -6.17
C VAL A 27 -31.16 4.30 -4.71
N ALA A 28 -29.88 4.23 -4.29
CA ALA A 28 -29.50 4.18 -2.89
C ALA A 28 -28.65 5.38 -2.55
N VAL A 29 -28.99 6.05 -1.45
CA VAL A 29 -28.09 7.03 -0.87
C VAL A 29 -27.59 6.47 0.46
N ILE A 30 -26.26 6.51 0.62
CA ILE A 30 -25.59 6.14 1.86
CA ILE A 30 -25.57 6.14 1.86
C ILE A 30 -25.25 7.46 2.57
N TYR A 31 -25.86 7.66 3.73
CA TYR A 31 -25.74 8.91 4.46
C TYR A 31 -25.40 8.57 5.90
N GLN A 32 -24.22 9.05 6.33
CA GLN A 32 -23.61 8.63 7.60
C GLN A 32 -23.60 7.11 7.76
N GLY A 33 -23.13 6.43 6.72
CA GLY A 33 -23.01 4.97 6.74
C GLY A 33 -24.27 4.14 6.56
N LYS A 34 -25.44 4.78 6.50
CA LYS A 34 -26.73 4.05 6.45
C LYS A 34 -27.42 4.30 5.13
N PRO A 35 -28.05 3.24 4.55
CA PRO A 35 -28.64 3.35 3.23
C PRO A 35 -30.11 3.73 3.25
N TYR A 36 -30.49 4.51 2.26
CA TYR A 36 -31.85 4.90 2.00
C TYR A 36 -32.16 4.57 0.54
N TYR A 37 -33.29 3.89 0.33
CA TYR A 37 -33.64 3.35 -0.99
C TYR A 37 -34.82 4.02 -1.62
N PHE A 38 -34.77 4.10 -2.95
CA PHE A 38 -35.82 4.72 -3.74
C PHE A 38 -36.00 3.93 -5.02
N THR A 39 -37.24 3.73 -5.46
CA THR A 39 -37.47 3.06 -6.72
C THR A 39 -38.60 3.67 -7.54
N TRP A 40 -38.48 3.53 -8.86
CA TRP A 40 -39.41 4.06 -9.82
C TRP A 40 -39.65 3.08 -10.94
N GLY A 41 -40.89 3.02 -11.43
CA GLY A 41 -41.14 2.42 -12.71
C GLY A 41 -40.98 0.91 -12.74
N TYR A 42 -40.54 0.40 -13.90
CA TYR A 42 -40.75 -0.99 -14.30
C TYR A 42 -39.44 -1.73 -14.60
N ALA A 43 -39.30 -2.87 -13.95
CA ALA A 43 -38.30 -3.88 -14.27
C ALA A 43 -38.68 -4.60 -15.55
N ASP A 44 -39.99 -4.80 -15.75
CA ASP A 44 -40.50 -5.46 -16.95
C ASP A 44 -41.78 -4.76 -17.36
N ILE A 45 -41.71 -3.99 -18.42
CA ILE A 45 -42.86 -3.21 -18.89
C ILE A 45 -44.03 -4.10 -19.31
N ALA A 46 -43.76 -5.06 -20.20
CA ALA A 46 -44.78 -6.01 -20.70
C ALA A 46 -45.54 -6.76 -19.61
N LYS A 47 -44.82 -7.23 -18.60
CA LYS A 47 -45.43 -7.95 -17.50
C LYS A 47 -45.79 -7.06 -16.28
N LYS A 48 -45.59 -5.75 -16.41
CA LYS A 48 -46.02 -4.79 -15.39
C LYS A 48 -45.39 -5.05 -14.04
N GLN A 49 -44.15 -5.53 -14.08
CA GLN A 49 -43.38 -5.77 -12.86
C GLN A 49 -42.61 -4.53 -12.48
N PRO A 50 -42.84 -4.03 -11.25
CA PRO A 50 -42.20 -2.82 -10.80
C PRO A 50 -40.77 -3.07 -10.34
N VAL A 51 -39.97 -2.02 -10.36
CA VAL A 51 -38.67 -2.02 -9.75
C VAL A 51 -38.86 -2.06 -8.25
N THR A 52 -38.16 -3.00 -7.62
CA THR A 52 -38.15 -3.12 -6.16
C THR A 52 -36.71 -3.12 -5.67
N GLN A 53 -36.53 -3.16 -4.34
CA GLN A 53 -35.19 -3.30 -3.75
C GLN A 53 -34.52 -4.67 -4.04
N GLN A 54 -35.30 -5.62 -4.58
CA GLN A 54 -34.81 -6.94 -4.96
C GLN A 54 -34.56 -7.12 -6.47
N THR A 55 -34.81 -6.07 -7.25
CA THR A 55 -34.66 -6.16 -8.68
C THR A 55 -33.17 -6.21 -9.03
N LEU A 56 -32.80 -7.14 -9.90
CA LEU A 56 -31.44 -7.25 -10.42
C LEU A 56 -31.31 -6.40 -11.67
N PHE A 57 -30.23 -5.63 -11.72
CA PHE A 57 -29.83 -4.80 -12.85
C PHE A 57 -28.46 -5.26 -13.33
N GLU A 58 -28.22 -5.18 -14.62
CA GLU A 58 -26.88 -5.34 -15.20
C GLU A 58 -26.04 -4.11 -14.85
N LEU A 59 -24.94 -4.35 -14.14
CA LEU A 59 -24.02 -3.28 -13.77
C LEU A 59 -23.14 -2.82 -14.92
N GLY A 60 -23.01 -3.64 -15.95
CA GLY A 60 -22.02 -3.39 -16.99
C GLY A 60 -20.66 -3.13 -16.37
N SER A 61 -19.98 -2.09 -16.84
CA SER A 61 -18.63 -1.77 -16.37
C SER A 61 -18.44 -1.40 -14.91
N VAL A 62 -19.51 -1.13 -14.17
CA VAL A 62 -19.38 -1.07 -12.71
C VAL A 62 -18.81 -2.40 -12.14
N SER A 63 -18.96 -3.46 -12.92
CA SER A 63 -18.36 -4.79 -12.62
C SER A 63 -16.86 -4.69 -12.39
N LYS A 64 -16.20 -3.74 -13.07
CA LYS A 64 -14.75 -3.61 -12.97
C LYS A 64 -14.29 -3.29 -11.57
N THR A 65 -15.17 -2.69 -10.75
CA THR A 65 -14.85 -2.42 -9.36
C THR A 65 -14.71 -3.72 -8.54
N PHE A 66 -15.55 -4.70 -8.86
CA PHE A 66 -15.47 -6.00 -8.23
C PHE A 66 -14.19 -6.70 -8.68
N THR A 67 -13.92 -6.68 -9.98
CA THR A 67 -12.68 -7.24 -10.53
C THR A 67 -11.45 -6.64 -9.87
N GLY A 68 -11.40 -5.31 -9.77
CA GLY A 68 -10.27 -4.65 -9.12
C GLY A 68 -10.03 -5.07 -7.67
N VAL A 69 -11.09 -5.09 -6.88
CA VAL A 69 -11.02 -5.52 -5.49
C VAL A 69 -10.62 -7.01 -5.37
N LEU A 70 -11.17 -7.87 -6.24
CA LEU A 70 -10.77 -9.27 -6.27
C LEU A 70 -9.28 -9.44 -6.60
N GLY A 71 -8.77 -8.63 -7.52
CA GLY A 71 -7.35 -8.57 -7.78
C GLY A 71 -6.55 -8.10 -6.59
N GLY A 72 -7.02 -7.01 -5.97
CA GLY A 72 -6.47 -6.53 -4.72
C GLY A 72 -6.37 -7.59 -3.64
N ASP A 73 -7.44 -8.37 -3.49
CA ASP A 73 -7.48 -9.47 -2.51
C ASP A 73 -6.37 -10.52 -2.81
N ALA A 74 -6.18 -10.82 -4.11
CA ALA A 74 -5.12 -11.77 -4.55
C ALA A 74 -3.74 -11.23 -4.24
N ILE A 75 -3.56 -9.92 -4.42
CA ILE A 75 -2.28 -9.29 -4.07
C ILE A 75 -2.06 -9.48 -2.57
N ALA A 76 -3.11 -9.20 -1.79
CA ALA A 76 -2.98 -9.30 -0.32
C ALA A 76 -2.74 -10.73 0.16
N ARG A 77 -3.30 -11.71 -0.55
CA ARG A 77 -3.07 -13.14 -0.27
C ARG A 77 -1.68 -13.64 -0.70
N GLY A 78 -0.92 -12.78 -1.38
CA GLY A 78 0.42 -13.12 -1.87
C GLY A 78 0.39 -13.97 -3.13
N GLU A 79 -0.76 -14.09 -3.78
CA GLU A 79 -0.90 -14.97 -4.94
C GLU A 79 -0.37 -14.35 -6.22
N ILE A 80 -0.50 -13.03 -6.34
CA ILE A 80 0.02 -12.27 -7.47
C ILE A 80 0.64 -10.97 -6.99
N LYS A 81 1.45 -10.36 -7.85
CA LYS A 81 1.97 -9.01 -7.67
C LYS A 81 1.67 -8.21 -8.91
N LEU A 82 1.32 -6.94 -8.76
CA LEU A 82 1.01 -6.10 -9.91
C LEU A 82 2.24 -5.84 -10.77
N SER A 83 3.41 -6.00 -10.16
CA SER A 83 4.69 -5.89 -10.86
C SER A 83 5.04 -7.11 -11.72
N ASP A 84 4.31 -8.20 -11.56
CA ASP A 84 4.58 -9.43 -12.30
C ASP A 84 4.30 -9.24 -13.79
N PRO A 85 5.19 -9.78 -14.66
CA PRO A 85 4.88 -9.84 -16.08
C PRO A 85 3.61 -10.65 -16.36
N THR A 86 2.81 -10.15 -17.30
CA THR A 86 1.65 -10.90 -17.79
C THR A 86 2.05 -12.34 -18.13
N THR A 87 3.19 -12.49 -18.80
CA THR A 87 3.67 -13.81 -19.21
C THR A 87 3.87 -14.82 -18.06
N LYS A 88 4.13 -14.33 -16.85
CA LYS A 88 4.28 -15.21 -15.71
C LYS A 88 3.04 -16.10 -15.55
N TYR A 89 1.84 -15.55 -15.82
CA TYR A 89 0.58 -16.27 -15.63
C TYR A 89 0.03 -16.85 -16.91
N TRP A 90 0.66 -16.52 -18.04
CA TRP A 90 0.21 -17.06 -19.31
C TRP A 90 1.45 -17.40 -20.13
N PRO A 91 2.02 -18.58 -19.90
CA PRO A 91 3.27 -18.97 -20.56
C PRO A 91 3.17 -19.13 -22.07
N GLU A 92 1.98 -19.39 -22.60
CA GLU A 92 1.78 -19.48 -24.06
C GLU A 92 1.89 -18.10 -24.72
N LEU A 93 1.84 -17.03 -23.93
CA LEU A 93 1.90 -15.65 -24.46
C LEU A 93 3.36 -15.25 -24.76
N THR A 94 3.90 -15.76 -25.87
CA THR A 94 5.33 -15.64 -26.16
C THR A 94 5.75 -14.45 -27.01
N ALA A 95 4.79 -13.73 -27.61
CA ALA A 95 5.08 -12.65 -28.54
C ALA A 95 5.78 -11.50 -27.83
N LYS A 96 6.82 -10.96 -28.47
CA LYS A 96 7.78 -10.09 -27.79
C LYS A 96 7.23 -8.73 -27.33
N GLN A 97 6.12 -8.30 -27.91
CA GLN A 97 5.47 -7.03 -27.49
C GLN A 97 4.99 -7.10 -26.04
N TRP A 98 4.87 -8.31 -25.48
CA TRP A 98 4.42 -8.50 -24.10
C TRP A 98 5.52 -8.32 -23.09
N ASN A 99 6.77 -8.27 -23.57
CA ASN A 99 7.92 -8.01 -22.71
C ASN A 99 7.72 -6.62 -22.07
N GLY A 100 7.69 -6.58 -20.76
CA GLY A 100 7.49 -5.33 -20.04
C GLY A 100 6.02 -4.98 -19.76
N ILE A 101 5.07 -5.80 -20.21
CA ILE A 101 3.67 -5.52 -19.93
C ILE A 101 3.28 -6.29 -18.70
N THR A 102 2.95 -5.58 -17.63
CA THR A 102 2.69 -6.23 -16.32
C THR A 102 1.20 -6.29 -15.97
N LEU A 103 0.88 -7.01 -14.90
CA LEU A 103 -0.50 -7.04 -14.41
C LEU A 103 -1.03 -5.62 -14.10
N LEU A 104 -0.17 -4.73 -13.58
CA LEU A 104 -0.55 -3.33 -13.35
C LEU A 104 -1.11 -2.67 -14.63
N HIS A 105 -0.38 -2.85 -15.74
CA HIS A 105 -0.77 -2.27 -17.01
C HIS A 105 -2.11 -2.83 -17.47
N LEU A 106 -2.31 -4.14 -17.32
CA LEU A 106 -3.60 -4.73 -17.70
C LEU A 106 -4.77 -4.18 -16.87
N ALA A 107 -4.57 -4.14 -15.57
CA ALA A 107 -5.57 -3.69 -14.61
C ALA A 107 -5.98 -2.25 -14.81
N THR A 108 -5.03 -1.42 -15.27
CA THR A 108 -5.23 0.03 -15.36
C THR A 108 -5.31 0.61 -16.78
N TYR A 109 -5.45 -0.26 -17.79
CA TYR A 109 -5.66 0.16 -19.19
C TYR A 109 -4.43 0.87 -19.83
N THR A 110 -3.24 0.57 -19.30
CA THR A 110 -2.02 1.26 -19.72
C THR A 110 -1.01 0.31 -20.38
N ALA A 111 -1.48 -0.82 -20.92
CA ALA A 111 -0.60 -1.80 -21.61
C ALA A 111 -0.02 -1.28 -22.94
N GLY A 112 -0.63 -0.22 -23.48
CA GLY A 112 -0.21 0.36 -24.75
C GLY A 112 -1.19 0.24 -25.89
N GLY A 113 -2.50 0.24 -25.59
CA GLY A 113 -3.55 0.29 -26.58
C GLY A 113 -4.31 -0.99 -26.86
N LEU A 114 -4.47 -1.85 -25.84
CA LEU A 114 -5.44 -2.92 -25.89
C LEU A 114 -6.83 -2.35 -26.17
N PRO A 115 -7.59 -3.01 -27.04
CA PRO A 115 -8.83 -2.44 -27.53
C PRO A 115 -9.98 -2.47 -26.55
N LEU A 116 -10.93 -1.58 -26.77
CA LEU A 116 -12.08 -1.45 -25.88
C LEU A 116 -12.81 -2.78 -25.69
N GLN A 117 -12.96 -3.53 -26.80
CA GLN A 117 -13.73 -4.77 -26.81
C GLN A 117 -12.86 -5.89 -27.32
N VAL A 118 -12.99 -7.05 -26.69
CA VAL A 118 -12.52 -8.29 -27.30
C VAL A 118 -13.42 -8.49 -28.54
N PRO A 119 -12.84 -8.80 -29.70
CA PRO A 119 -13.71 -9.07 -30.85
C PRO A 119 -14.77 -10.16 -30.63
N ASP A 120 -15.95 -9.96 -31.22
CA ASP A 120 -17.02 -10.97 -31.15
C ASP A 120 -16.57 -12.33 -31.62
N GLU A 121 -15.68 -12.32 -32.61
CA GLU A 121 -15.18 -13.55 -33.24
CA GLU A 121 -15.20 -13.56 -33.23
C GLU A 121 -14.33 -14.40 -32.29
N VAL A 122 -13.82 -13.78 -31.22
CA VAL A 122 -13.01 -14.51 -30.23
C VAL A 122 -13.90 -15.29 -29.29
N LYS A 123 -13.91 -16.61 -29.46
CA LYS A 123 -14.77 -17.50 -28.67
C LYS A 123 -13.98 -18.45 -27.77
N SER A 124 -13.11 -19.26 -28.36
CA SER A 124 -12.36 -20.28 -27.62
C SER A 124 -11.16 -19.75 -26.88
N SER A 125 -10.56 -20.60 -26.06
CA SER A 125 -9.29 -20.27 -25.45
C SER A 125 -8.17 -20.10 -26.52
N SER A 126 -8.22 -20.90 -27.58
CA SER A 126 -7.25 -20.76 -28.67
C SER A 126 -7.45 -19.44 -29.41
N ASP A 127 -8.71 -19.06 -29.65
CA ASP A 127 -9.04 -17.73 -30.19
C ASP A 127 -8.48 -16.58 -29.35
N LEU A 128 -8.65 -16.68 -28.04
CA LEU A 128 -8.15 -15.63 -27.11
C LEU A 128 -6.63 -15.54 -27.16
N LEU A 129 -5.94 -16.69 -27.17
CA LEU A 129 -4.47 -16.67 -27.25
C LEU A 129 -4.04 -15.96 -28.52
N ARG A 130 -4.66 -16.35 -29.62
CA ARG A 130 -4.32 -15.77 -30.92
C ARG A 130 -4.50 -14.25 -30.90
N PHE A 131 -5.62 -13.81 -30.35
CA PHE A 131 -5.97 -12.39 -30.24
C PHE A 131 -4.88 -11.59 -29.48
N TYR A 132 -4.49 -12.08 -28.32
CA TYR A 132 -3.48 -11.33 -27.54
C TYR A 132 -2.07 -11.43 -28.13
N GLN A 133 -1.76 -12.59 -28.69
CA GLN A 133 -0.47 -12.82 -29.38
C GLN A 133 -0.29 -11.87 -30.57
N ASN A 134 -1.36 -11.64 -31.33
CA ASN A 134 -1.32 -10.85 -32.57
C ASN A 134 -1.53 -9.35 -32.38
N TRP A 135 -2.01 -8.98 -31.19
CA TRP A 135 -2.23 -7.59 -30.82
C TRP A 135 -0.94 -6.79 -30.83
N GLN A 136 -0.94 -5.67 -31.57
CA GLN A 136 0.23 -4.81 -31.65
C GLN A 136 -0.01 -3.45 -30.97
N PRO A 137 0.80 -3.13 -29.96
CA PRO A 137 0.63 -1.89 -29.22
C PRO A 137 0.91 -0.63 -30.05
N ALA A 138 0.12 0.41 -29.81
CA ALA A 138 0.37 1.76 -30.35
C ALA A 138 1.44 2.48 -29.53
N TRP A 139 1.57 2.13 -28.25
CA TRP A 139 2.38 2.89 -27.31
C TRP A 139 3.19 1.97 -26.41
N ALA A 140 4.27 2.50 -25.88
CA ALA A 140 5.07 1.76 -24.93
C ALA A 140 4.23 1.56 -23.67
N PRO A 141 4.51 0.50 -22.90
CA PRO A 141 3.71 0.27 -21.69
C PRO A 141 3.84 1.42 -20.68
N GLY A 142 2.74 1.73 -19.99
CA GLY A 142 2.76 2.75 -18.96
C GLY A 142 2.96 4.18 -19.43
N THR A 143 2.48 4.48 -20.62
CA THR A 143 2.55 5.82 -21.19
C THR A 143 1.20 6.41 -21.58
N GLN A 144 0.27 5.57 -22.03
CA GLN A 144 -1.09 6.01 -22.42
C GLN A 144 -2.17 5.13 -21.79
N ARG A 145 -3.25 5.75 -21.35
CA ARG A 145 -4.43 5.04 -20.85
C ARG A 145 -5.50 5.01 -21.94
N LEU A 146 -6.01 3.81 -22.20
CA LEU A 146 -7.14 3.62 -23.13
C LEU A 146 -8.06 2.58 -22.49
N TYR A 147 -9.18 3.06 -21.97
CA TYR A 147 -10.18 2.24 -21.31
C TYR A 147 -10.49 1.05 -22.21
N ALA A 148 -10.46 -0.15 -21.63
CA ALA A 148 -10.50 -1.37 -22.42
C ALA A 148 -10.93 -2.60 -21.61
N ASN A 149 -12.01 -3.22 -22.07
CA ASN A 149 -12.46 -4.50 -21.51
C ASN A 149 -11.45 -5.61 -21.75
N SER A 150 -10.76 -5.54 -22.87
CA SER A 150 -9.74 -6.54 -23.18
C SER A 150 -8.53 -6.43 -22.22
N SER A 151 -8.35 -5.29 -21.58
CA SER A 151 -7.25 -5.06 -20.66
C SER A 151 -7.55 -5.57 -19.26
N ILE A 152 -8.49 -4.91 -18.57
CA ILE A 152 -8.90 -5.36 -17.26
C ILE A 152 -9.56 -6.75 -17.31
N GLY A 153 -10.15 -7.14 -18.43
CA GLY A 153 -10.69 -8.52 -18.55
C GLY A 153 -9.63 -9.58 -18.37
N LEU A 154 -8.51 -9.41 -19.07
CA LEU A 154 -7.38 -10.34 -18.99
C LEU A 154 -6.77 -10.31 -17.59
N PHE A 155 -6.57 -9.11 -17.03
CA PHE A 155 -6.17 -8.97 -15.61
C PHE A 155 -7.01 -9.86 -14.70
N GLY A 156 -8.33 -9.79 -14.86
CA GLY A 156 -9.22 -10.55 -13.98
C GLY A 156 -8.99 -12.05 -14.08
N ALA A 157 -8.91 -12.53 -15.34
CA ALA A 157 -8.69 -13.94 -15.65
C ALA A 157 -7.36 -14.43 -15.06
N LEU A 158 -6.31 -13.63 -15.21
CA LEU A 158 -4.96 -14.00 -14.72
C LEU A 158 -4.83 -13.89 -13.19
N ALA A 159 -5.44 -12.86 -12.60
CA ALA A 159 -5.35 -12.66 -11.13
C ALA A 159 -5.81 -13.87 -10.30
N VAL A 160 -6.78 -14.64 -10.81
CA VAL A 160 -7.29 -15.80 -10.10
C VAL A 160 -6.58 -17.13 -10.41
N LYS A 161 -5.66 -17.11 -11.37
CA LYS A 161 -5.00 -18.36 -11.80
C LYS A 161 -4.30 -19.11 -10.65
N PRO A 162 -3.47 -18.41 -9.83
CA PRO A 162 -2.77 -19.09 -8.73
C PRO A 162 -3.70 -19.76 -7.72
N SER A 163 -4.88 -19.18 -7.48
CA SER A 163 -5.85 -19.79 -6.59
C SER A 163 -6.35 -21.14 -7.12
N GLY A 164 -6.33 -21.32 -8.44
CA GLY A 164 -6.93 -22.47 -9.08
C GLY A 164 -8.44 -22.38 -9.23
N LEU A 165 -9.04 -21.31 -8.71
CA LEU A 165 -10.49 -21.10 -8.85
C LEU A 165 -10.84 -20.46 -10.16
N SER A 166 -12.02 -20.77 -10.69
CA SER A 166 -12.57 -20.01 -11.79
C SER A 166 -12.79 -18.56 -11.32
N PHE A 167 -12.80 -17.62 -12.25
CA PHE A 167 -13.09 -16.24 -11.90
C PHE A 167 -14.38 -16.11 -11.08
N GLU A 168 -15.48 -16.74 -11.54
CA GLU A 168 -16.77 -16.73 -10.82
C GLU A 168 -16.68 -17.32 -9.42
N GLN A 169 -16.02 -18.46 -9.26
CA GLN A 169 -15.90 -19.07 -7.94
C GLN A 169 -15.08 -18.21 -7.01
N ALA A 170 -13.99 -17.68 -7.52
CA ALA A 170 -13.15 -16.73 -6.77
C ALA A 170 -13.95 -15.52 -6.27
N MET A 171 -14.69 -14.90 -7.18
CA MET A 171 -15.50 -13.73 -6.83
C MET A 171 -16.56 -14.06 -5.79
N GLN A 172 -17.27 -15.19 -5.99
CA GLN A 172 -18.30 -15.64 -5.04
CA GLN A 172 -18.31 -15.60 -5.03
C GLN A 172 -17.73 -15.86 -3.65
N THR A 173 -16.67 -16.65 -3.58
CA THR A 173 -16.11 -17.09 -2.31
CA THR A 173 -16.10 -17.10 -2.32
C THR A 173 -15.34 -16.00 -1.58
N ARG A 174 -14.69 -15.11 -2.32
CA ARG A 174 -13.75 -14.17 -1.73
C ARG A 174 -14.23 -12.71 -1.61
N VAL A 175 -15.26 -12.35 -2.35
CA VAL A 175 -15.87 -11.01 -2.33
C VAL A 175 -17.35 -11.02 -1.97
N PHE A 176 -18.19 -11.72 -2.75
CA PHE A 176 -19.63 -11.66 -2.56
C PHE A 176 -20.02 -12.26 -1.20
N GLN A 177 -19.53 -13.46 -0.91
CA GLN A 177 -19.94 -14.18 0.29
C GLN A 177 -19.50 -13.46 1.56
N PRO A 178 -18.19 -13.09 1.67
CA PRO A 178 -17.77 -12.37 2.87
C PRO A 178 -18.51 -11.07 3.14
N LEU A 179 -18.88 -10.36 2.07
CA LEU A 179 -19.61 -9.11 2.20
C LEU A 179 -21.11 -9.28 2.21
N LYS A 180 -21.59 -10.51 2.18
CA LYS A 180 -23.03 -10.84 2.26
C LYS A 180 -23.81 -10.19 1.13
N LEU A 181 -23.18 -10.18 -0.05
CA LEU A 181 -23.83 -9.79 -1.29
C LEU A 181 -24.49 -11.06 -1.84
N ASN A 182 -25.63 -11.41 -1.25
CA ASN A 182 -26.30 -12.69 -1.52
C ASN A 182 -27.27 -12.63 -2.71
N HIS A 183 -27.40 -11.47 -3.34
CA HIS A 183 -28.17 -11.29 -4.56
C HIS A 183 -27.37 -10.53 -5.62
N THR A 184 -26.10 -10.91 -5.73
CA THR A 184 -25.17 -10.38 -6.71
C THR A 184 -24.59 -11.59 -7.45
N TRP A 185 -24.62 -11.53 -8.78
CA TRP A 185 -24.32 -12.69 -9.63
C TRP A 185 -23.53 -12.35 -10.87
N ILE A 186 -22.66 -13.28 -11.25
CA ILE A 186 -22.03 -13.25 -12.56
CA ILE A 186 -22.04 -13.22 -12.56
C ILE A 186 -22.98 -13.90 -13.55
N ASN A 187 -23.61 -15.00 -13.10
CA ASN A 187 -24.63 -15.68 -13.86
C ASN A 187 -25.91 -15.74 -13.01
N VAL A 188 -26.99 -15.15 -13.49
CA VAL A 188 -28.23 -15.07 -12.73
C VAL A 188 -28.82 -16.49 -12.65
N PRO A 189 -29.05 -17.01 -11.43
CA PRO A 189 -29.62 -18.35 -11.30
C PRO A 189 -31.13 -18.38 -11.54
N PRO A 190 -31.67 -19.57 -11.89
CA PRO A 190 -33.13 -19.68 -12.08
C PRO A 190 -33.99 -19.12 -10.93
N ALA A 191 -33.51 -19.30 -9.69
CA ALA A 191 -34.19 -18.82 -8.48
C ALA A 191 -34.39 -17.30 -8.45
N GLU A 192 -33.53 -16.56 -9.16
CA GLU A 192 -33.61 -15.10 -9.14
CA GLU A 192 -33.53 -15.09 -9.22
C GLU A 192 -34.19 -14.52 -10.45
N GLU A 193 -34.57 -15.39 -11.39
CA GLU A 193 -35.01 -14.94 -12.71
C GLU A 193 -36.23 -14.00 -12.68
N LYS A 194 -37.17 -14.27 -11.78
CA LYS A 194 -38.31 -13.39 -11.53
C LYS A 194 -37.93 -11.93 -11.16
N ASN A 195 -36.72 -11.74 -10.61
CA ASN A 195 -36.22 -10.41 -10.20
C ASN A 195 -35.33 -9.68 -11.19
N TYR A 196 -34.97 -10.36 -12.26
CA TYR A 196 -34.01 -9.85 -13.23
C TYR A 196 -34.75 -8.95 -14.21
N ALA A 197 -34.50 -7.65 -14.08
CA ALA A 197 -35.05 -6.66 -14.95
C ALA A 197 -34.63 -6.91 -16.38
N TRP A 198 -35.51 -6.54 -17.30
CA TRP A 198 -35.15 -6.36 -18.69
C TRP A 198 -34.46 -5.01 -18.86
N GLY A 199 -33.44 -4.99 -19.71
CA GLY A 199 -32.86 -3.74 -20.19
C GLY A 199 -33.70 -3.29 -21.39
N TYR A 200 -33.73 -2.00 -21.66
CA TYR A 200 -34.48 -1.47 -22.80
C TYR A 200 -33.57 -0.62 -23.70
N ARG A 201 -33.49 -1.04 -24.96
CA ARG A 201 -32.71 -0.33 -25.96
CA ARG A 201 -32.69 -0.36 -25.96
C ARG A 201 -33.60 -0.17 -27.17
N GLU A 202 -33.78 1.08 -27.58
CA GLU A 202 -34.68 1.45 -28.67
C GLU A 202 -36.04 0.78 -28.49
N GLY A 203 -36.53 0.78 -27.26
CA GLY A 203 -37.82 0.15 -26.93
C GLY A 203 -37.91 -1.37 -26.85
N LYS A 204 -36.83 -2.07 -27.17
CA LYS A 204 -36.83 -3.53 -27.14
CA LYS A 204 -36.78 -3.53 -27.17
C LYS A 204 -36.20 -4.03 -25.86
N ALA A 205 -36.75 -5.11 -25.31
CA ALA A 205 -36.24 -5.77 -24.10
C ALA A 205 -34.98 -6.58 -24.43
N VAL A 206 -33.90 -6.32 -23.70
CA VAL A 206 -32.60 -6.89 -24.01
C VAL A 206 -31.85 -7.25 -22.71
N HIS A 207 -31.06 -8.31 -22.79
CA HIS A 207 -30.12 -8.66 -21.74
C HIS A 207 -28.74 -8.75 -22.39
N VAL A 208 -27.71 -8.63 -21.56
CA VAL A 208 -26.34 -8.67 -22.03
C VAL A 208 -26.09 -10.03 -22.68
N SER A 209 -25.37 -10.01 -23.80
CA SER A 209 -24.96 -11.23 -24.50
C SER A 209 -23.64 -11.83 -23.99
N PRO A 210 -23.50 -13.17 -24.03
CA PRO A 210 -22.21 -13.78 -23.67
C PRO A 210 -21.08 -13.29 -24.54
N GLY A 211 -19.90 -13.14 -23.96
CA GLY A 211 -18.72 -12.77 -24.71
C GLY A 211 -17.48 -13.13 -23.92
N ALA A 212 -16.36 -13.29 -24.62
CA ALA A 212 -15.11 -13.62 -23.95
C ALA A 212 -14.77 -12.55 -22.90
N LEU A 213 -14.31 -13.00 -21.75
CA LEU A 213 -13.91 -12.14 -20.61
C LEU A 213 -15.03 -11.17 -20.19
N ASP A 214 -16.27 -11.63 -20.32
CA ASP A 214 -17.43 -10.83 -19.94
C ASP A 214 -17.57 -10.67 -18.42
N ALA A 215 -17.54 -11.77 -17.69
CA ALA A 215 -17.60 -11.72 -16.21
C ALA A 215 -16.64 -10.66 -15.63
N GLU A 216 -15.41 -10.65 -16.15
CA GLU A 216 -14.29 -9.88 -15.64
C GLU A 216 -14.41 -8.37 -15.89
N ALA A 217 -15.09 -8.03 -16.99
CA ALA A 217 -15.13 -6.67 -17.48
C ALA A 217 -16.50 -6.01 -17.36
N TYR A 218 -17.59 -6.77 -17.50
CA TYR A 218 -18.91 -6.16 -17.53
C TYR A 218 -20.08 -7.08 -17.16
N GLY A 219 -19.81 -8.18 -16.45
CA GLY A 219 -20.81 -9.24 -16.35
C GLY A 219 -21.58 -9.41 -15.05
N VAL A 220 -21.44 -8.48 -14.10
CA VAL A 220 -22.11 -8.61 -12.80
C VAL A 220 -23.54 -8.01 -12.84
N LYS A 221 -24.47 -8.71 -12.20
CA LYS A 221 -25.83 -8.25 -11.98
C LYS A 221 -26.04 -8.15 -10.48
N SER A 222 -26.74 -7.11 -10.05
CA SER A 222 -26.94 -6.87 -8.61
C SER A 222 -28.20 -6.09 -8.29
N THR A 223 -28.56 -6.09 -7.02
CA THR A 223 -29.70 -5.33 -6.51
C THR A 223 -29.23 -4.02 -5.92
N ILE A 224 -30.17 -3.11 -5.69
CA ILE A 224 -29.85 -1.83 -5.08
C ILE A 224 -29.35 -2.03 -3.63
N GLU A 225 -29.92 -3.01 -2.93
CA GLU A 225 -29.47 -3.32 -1.57
C GLU A 225 -28.02 -3.83 -1.56
N ASP A 226 -27.69 -4.80 -2.43
CA ASP A 226 -26.32 -5.30 -2.42
C ASP A 226 -25.35 -4.20 -2.86
N MET A 227 -25.76 -3.35 -3.80
CA MET A 227 -24.86 -2.30 -4.28
C MET A 227 -24.64 -1.23 -3.23
N ALA A 228 -25.66 -0.95 -2.41
CA ALA A 228 -25.49 -0.06 -1.27
C ALA A 228 -24.47 -0.65 -0.29
N ARG A 229 -24.60 -1.95 -0.04
CA ARG A 229 -23.63 -2.64 0.84
CA ARG A 229 -23.64 -2.69 0.82
C ARG A 229 -22.23 -2.67 0.22
N TRP A 230 -22.14 -2.81 -1.10
CA TRP A 230 -20.84 -2.68 -1.81
C TRP A 230 -20.21 -1.28 -1.59
N VAL A 231 -21.01 -0.23 -1.74
CA VAL A 231 -20.55 1.12 -1.43
C VAL A 231 -20.12 1.27 0.04
N GLN A 232 -20.94 0.78 0.98
CA GLN A 232 -20.55 0.79 2.39
C GLN A 232 -19.18 0.13 2.61
N SER A 233 -18.98 -1.01 1.96
CA SER A 233 -17.76 -1.79 2.14
C SER A 233 -16.53 -1.07 1.60
N ASN A 234 -16.70 -0.32 0.52
CA ASN A 234 -15.60 0.46 -0.08
C ASN A 234 -15.41 1.81 0.60
N LEU A 235 -16.47 2.32 1.20
CA LEU A 235 -16.43 3.53 2.00
C LEU A 235 -15.61 3.35 3.26
N LYS A 236 -15.78 2.19 3.88
CA LYS A 236 -15.27 1.95 5.21
C LYS A 236 -14.68 0.55 5.30
N PRO A 237 -13.56 0.30 4.59
CA PRO A 237 -13.02 -1.07 4.54
C PRO A 237 -12.47 -1.62 5.87
N LEU A 238 -12.19 -0.75 6.82
CA LEU A 238 -11.66 -1.19 8.12
C LEU A 238 -12.71 -1.97 8.93
N ASP A 239 -13.98 -1.78 8.60
CA ASP A 239 -15.06 -2.60 9.18
C ASP A 239 -15.10 -4.02 8.64
N ILE A 240 -14.41 -4.29 7.54
CA ILE A 240 -14.37 -5.63 6.94
C ILE A 240 -13.45 -6.57 7.73
N ASN A 241 -13.99 -7.69 8.18
CA ASN A 241 -13.25 -8.58 9.06
C ASN A 241 -12.21 -9.43 8.34
N GLU A 242 -12.47 -9.83 7.10
CA GLU A 242 -11.52 -10.59 6.32
C GLU A 242 -10.36 -9.69 5.89
N LYS A 243 -9.17 -9.98 6.43
CA LYS A 243 -8.00 -9.13 6.28
C LYS A 243 -7.57 -8.91 4.84
N THR A 244 -7.55 -9.97 4.03
CA THR A 244 -7.07 -9.81 2.65
C THR A 244 -8.09 -9.01 1.82
N LEU A 245 -9.39 -9.14 2.16
CA LEU A 245 -10.44 -8.39 1.46
C LEU A 245 -10.37 -6.91 1.84
N GLN A 246 -10.18 -6.66 3.14
CA GLN A 246 -9.92 -5.31 3.60
C GLN A 246 -8.77 -4.65 2.84
N GLN A 247 -7.59 -5.29 2.80
CA GLN A 247 -6.44 -4.73 2.07
CA GLN A 247 -6.48 -4.66 2.09
C GLN A 247 -6.74 -4.60 0.58
N GLY A 248 -7.41 -5.59 0.02
CA GLY A 248 -7.75 -5.55 -1.40
C GLY A 248 -8.58 -4.33 -1.79
N ILE A 249 -9.57 -4.00 -0.97
CA ILE A 249 -10.36 -2.78 -1.18
C ILE A 249 -9.47 -1.53 -1.14
N GLN A 250 -8.57 -1.51 -0.18
CA GLN A 250 -7.65 -0.39 -0.02
CA GLN A 250 -7.66 -0.36 -0.03
C GLN A 250 -6.77 -0.26 -1.26
N LEU A 251 -6.24 -1.38 -1.74
CA LEU A 251 -5.39 -1.33 -2.96
C LEU A 251 -6.13 -0.90 -4.23
N ALA A 252 -7.43 -1.18 -4.30
CA ALA A 252 -8.23 -0.80 -5.46
C ALA A 252 -8.45 0.72 -5.55
N GLN A 253 -8.35 1.40 -4.40
CA GLN A 253 -8.45 2.86 -4.34
C GLN A 253 -7.10 3.54 -4.24
N SER A 254 -6.02 2.78 -4.33
CA SER A 254 -4.72 3.41 -4.48
C SER A 254 -4.64 4.13 -5.82
N ARG A 255 -3.81 5.16 -5.89
CA ARG A 255 -3.70 5.97 -7.08
C ARG A 255 -2.44 5.61 -7.87
N TYR A 256 -2.63 4.98 -9.02
CA TYR A 256 -1.54 4.39 -9.80
C TYR A 256 -1.05 5.31 -10.92
N TRP A 257 -1.99 6.06 -11.51
CA TRP A 257 -1.75 6.92 -12.66
C TRP A 257 -2.62 8.14 -12.54
N GLN A 258 -2.17 9.24 -13.13
CA GLN A 258 -3.00 10.42 -13.20
C GLN A 258 -3.11 10.87 -14.65
N THR A 259 -4.33 11.18 -15.07
CA THR A 259 -4.57 11.87 -16.33
C THR A 259 -5.54 13.03 -16.09
N GLY A 260 -5.12 14.23 -16.45
CA GLY A 260 -5.90 15.43 -16.12
C GLY A 260 -6.06 15.47 -14.62
N ASP A 261 -7.29 15.62 -14.13
CA ASP A 261 -7.48 15.59 -12.68
C ASP A 261 -8.05 14.25 -12.16
N MET A 262 -7.98 13.19 -12.95
CA MET A 262 -8.41 11.88 -12.45
CA MET A 262 -8.42 11.85 -12.52
C MET A 262 -7.23 10.96 -12.15
N TYR A 263 -7.47 10.08 -11.19
CA TYR A 263 -6.51 9.09 -10.76
C TYR A 263 -7.13 7.70 -11.02
N GLN A 264 -6.34 6.81 -11.59
CA GLN A 264 -6.74 5.44 -11.88
C GLN A 264 -6.42 4.49 -10.73
N GLY A 265 -7.47 3.84 -10.21
CA GLY A 265 -7.31 2.74 -9.27
C GLY A 265 -7.43 1.40 -9.98
N LEU A 266 -7.76 0.35 -9.21
CA LEU A 266 -8.10 -0.96 -9.78
C LEU A 266 -9.61 -0.97 -9.89
N GLY A 267 -10.12 -0.65 -11.08
CA GLY A 267 -11.55 -0.54 -11.31
C GLY A 267 -12.07 0.83 -10.96
N TRP A 268 -11.98 1.21 -9.69
CA TRP A 268 -12.34 2.55 -9.26
C TRP A 268 -11.47 3.61 -9.95
N GLU A 269 -12.08 4.78 -10.12
CA GLU A 269 -11.42 5.99 -10.56
C GLU A 269 -11.68 7.01 -9.44
N MET A 270 -10.72 7.90 -9.22
CA MET A 270 -10.79 8.84 -8.12
C MET A 270 -10.38 10.24 -8.54
N LEU A 271 -10.96 11.25 -7.88
CA LEU A 271 -10.52 12.66 -8.00
C LEU A 271 -10.47 13.23 -6.60
N ASP A 272 -9.68 14.27 -6.40
CA ASP A 272 -9.65 14.89 -5.08
C ASP A 272 -10.99 15.54 -4.78
N TRP A 273 -11.42 15.43 -3.53
CA TRP A 273 -12.62 16.08 -3.04
C TRP A 273 -12.15 17.30 -2.26
N PRO A 274 -12.77 18.47 -2.49
CA PRO A 274 -13.89 18.79 -3.37
C PRO A 274 -13.53 18.78 -4.85
N VAL A 275 -14.47 18.30 -5.65
CA VAL A 275 -14.25 18.13 -7.06
C VAL A 275 -14.81 19.33 -7.79
N ASN A 276 -14.28 19.61 -8.97
CA ASN A 276 -14.97 20.52 -9.87
C ASN A 276 -16.03 19.70 -10.60
N PRO A 277 -17.32 19.95 -10.31
CA PRO A 277 -18.40 19.14 -10.91
C PRO A 277 -18.36 19.10 -12.42
N ASP A 278 -18.07 20.23 -13.04
CA ASP A 278 -17.86 20.30 -14.48
C ASP A 278 -16.86 19.27 -14.99
N SER A 279 -15.78 19.07 -14.24
CA SER A 279 -14.75 18.11 -14.61
C SER A 279 -15.23 16.65 -14.52
N ILE A 280 -15.91 16.27 -13.44
CA ILE A 280 -16.43 14.89 -13.37
C ILE A 280 -17.60 14.69 -14.34
N ILE A 281 -18.49 15.68 -14.44
CA ILE A 281 -19.62 15.59 -15.36
C ILE A 281 -19.14 15.50 -16.81
N ASN A 282 -18.35 16.47 -17.24
CA ASN A 282 -17.85 16.47 -18.61
C ASN A 282 -16.91 15.31 -18.87
N GLY A 283 -16.06 15.00 -17.91
CA GLY A 283 -15.12 13.90 -18.03
C GLY A 283 -15.73 12.51 -18.16
N SER A 284 -16.99 12.35 -17.72
CA SER A 284 -17.69 11.06 -17.79
C SER A 284 -18.17 10.78 -19.21
N ASP A 285 -18.32 11.81 -20.02
CA ASP A 285 -18.74 11.63 -21.39
C ASP A 285 -17.77 10.68 -22.09
N ASN A 286 -18.33 9.72 -22.79
CA ASN A 286 -17.56 8.73 -23.51
C ASN A 286 -16.60 9.16 -24.61
N LYS A 287 -16.93 10.25 -25.31
CA LYS A 287 -15.90 11.23 -25.81
C LYS A 287 -14.59 11.50 -25.09
N ILE A 288 -14.63 11.65 -23.78
CA ILE A 288 -13.43 11.77 -22.97
C ILE A 288 -13.05 10.41 -22.33
N ALA A 289 -14.04 9.76 -21.70
CA ALA A 289 -13.79 8.57 -20.89
C ALA A 289 -13.22 7.41 -21.68
N LEU A 290 -13.56 7.32 -22.97
CA LEU A 290 -13.05 6.24 -23.84
C LEU A 290 -11.84 6.63 -24.70
N ALA A 291 -11.36 7.87 -24.54
CA ALA A 291 -10.25 8.45 -25.32
C ALA A 291 -8.90 7.97 -24.78
N ALA A 292 -7.94 7.77 -25.67
CA ALA A 292 -6.54 7.56 -25.28
C ALA A 292 -5.96 8.85 -24.74
N ARG A 293 -5.40 8.78 -23.54
CA ARG A 293 -4.80 9.95 -22.91
C ARG A 293 -3.46 9.57 -22.27
N PRO A 294 -2.46 10.48 -22.37
CA PRO A 294 -1.19 10.23 -21.66
C PRO A 294 -1.36 10.19 -20.15
N VAL A 295 -0.60 9.34 -19.49
CA VAL A 295 -0.66 9.21 -18.05
C VAL A 295 0.65 9.58 -17.43
N LYS A 296 0.55 10.13 -16.22
CA LYS A 296 1.67 10.34 -15.36
C LYS A 296 1.70 9.19 -14.35
N ALA A 297 2.85 8.51 -14.27
CA ALA A 297 3.03 7.44 -13.31
C ALA A 297 3.10 8.03 -11.92
N ILE A 298 2.39 7.42 -10.99
CA ILE A 298 2.48 7.80 -9.58
CA ILE A 298 2.45 7.80 -9.58
C ILE A 298 3.37 6.78 -8.91
N THR A 299 4.60 7.21 -8.63
CA THR A 299 5.69 6.31 -8.28
C THR A 299 6.27 6.62 -6.93
N PRO A 300 5.90 5.85 -5.89
CA PRO A 300 4.99 4.72 -5.89
C PRO A 300 3.54 5.20 -5.74
N PRO A 301 2.57 4.28 -5.93
CA PRO A 301 1.16 4.68 -5.84
C PRO A 301 0.77 5.29 -4.49
N THR A 302 -0.10 6.28 -4.51
CA THR A 302 -0.60 6.87 -3.27
C THR A 302 -1.67 5.96 -2.67
N PRO A 303 -1.56 5.67 -1.34
CA PRO A 303 -2.61 4.90 -0.72
C PRO A 303 -3.95 5.60 -0.83
N ALA A 304 -5.03 4.82 -0.75
CA ALA A 304 -6.37 5.37 -0.79
C ALA A 304 -6.49 6.67 0.03
N VAL A 305 -6.91 7.73 -0.66
CA VAL A 305 -7.12 9.05 -0.07
C VAL A 305 -8.58 9.19 0.36
N ARG A 306 -8.80 9.49 1.63
CA ARG A 306 -10.16 9.64 2.20
CA ARG A 306 -10.18 9.58 2.12
C ARG A 306 -10.92 10.79 1.54
N ALA A 307 -10.25 11.91 1.35
CA ALA A 307 -10.84 13.07 0.68
C ALA A 307 -10.85 12.92 -0.85
N SER A 308 -11.64 11.95 -1.32
CA SER A 308 -11.75 11.64 -2.75
C SER A 308 -13.20 11.54 -3.14
N TRP A 309 -13.46 11.83 -4.40
CA TRP A 309 -14.68 11.37 -5.05
C TRP A 309 -14.24 10.09 -5.77
N VAL A 310 -14.81 8.97 -5.32
CA VAL A 310 -14.50 7.66 -5.88
C VAL A 310 -15.73 7.19 -6.64
N HIS A 311 -15.54 6.79 -7.90
CA HIS A 311 -16.66 6.47 -8.75
C HIS A 311 -16.39 5.54 -9.92
N LYS A 312 -17.49 5.10 -10.53
CA LYS A 312 -17.45 4.31 -11.73
C LYS A 312 -18.78 4.39 -12.40
N THR A 313 -18.75 4.63 -13.70
CA THR A 313 -19.89 4.51 -14.58
C THR A 313 -19.88 3.13 -15.25
N GLY A 314 -21.04 2.64 -15.65
CA GLY A 314 -21.06 1.40 -16.41
C GLY A 314 -22.37 1.16 -17.12
N ALA A 315 -22.31 0.49 -18.26
CA ALA A 315 -23.49 0.26 -19.05
C ALA A 315 -23.42 -1.06 -19.79
N THR A 316 -24.60 -1.55 -20.18
CA THR A 316 -24.73 -2.57 -21.20
C THR A 316 -25.69 -1.99 -22.23
N GLY A 317 -26.06 -2.77 -23.24
CA GLY A 317 -26.97 -2.31 -24.27
C GLY A 317 -28.25 -1.71 -23.70
N GLY A 318 -28.76 -2.33 -22.66
CA GLY A 318 -30.03 -1.95 -22.08
C GLY A 318 -30.03 -1.41 -20.67
N PHE A 319 -28.85 -1.14 -20.10
CA PHE A 319 -28.74 -0.66 -18.70
C PHE A 319 -27.69 0.43 -18.54
N GLY A 320 -27.91 1.30 -17.55
CA GLY A 320 -27.00 2.38 -17.23
C GLY A 320 -26.89 2.52 -15.74
N SER A 321 -25.66 2.42 -15.24
CA SER A 321 -25.42 2.48 -13.82
CA SER A 321 -25.40 2.45 -13.82
C SER A 321 -24.32 3.47 -13.45
N TYR A 322 -24.39 3.94 -12.21
CA TYR A 322 -23.38 4.80 -11.66
C TYR A 322 -23.31 4.59 -10.15
N VAL A 323 -22.06 4.54 -9.67
CA VAL A 323 -21.76 4.50 -8.25
C VAL A 323 -20.69 5.56 -7.93
N ALA A 324 -20.90 6.31 -6.84
CA ALA A 324 -19.96 7.31 -6.37
C ALA A 324 -20.00 7.42 -4.86
N PHE A 325 -18.83 7.67 -4.24
CA PHE A 325 -18.78 7.89 -2.81
C PHE A 325 -17.61 8.74 -2.39
N ILE A 326 -17.73 9.28 -1.17
CA ILE A 326 -16.75 10.18 -0.58
C ILE A 326 -16.41 9.65 0.81
N PRO A 327 -15.29 8.88 0.93
CA PRO A 327 -14.98 8.26 2.23
C PRO A 327 -14.97 9.22 3.42
N GLU A 328 -14.34 10.37 3.22
CA GLU A 328 -14.23 11.40 4.25
CA GLU A 328 -14.22 11.35 4.31
C GLU A 328 -15.59 11.77 4.84
N LYS A 329 -16.61 11.81 3.96
CA LYS A 329 -17.96 12.24 4.32
C LYS A 329 -18.92 11.09 4.65
N GLU A 330 -18.46 9.84 4.61
CA GLU A 330 -19.33 8.67 4.80
CA GLU A 330 -19.35 8.69 4.81
C GLU A 330 -20.61 8.79 3.94
N LEU A 331 -20.43 9.28 2.72
CA LEU A 331 -21.51 9.61 1.81
C LEU A 331 -21.33 8.86 0.48
N GLY A 332 -22.42 8.33 -0.06
CA GLY A 332 -22.36 7.61 -1.33
C GLY A 332 -23.70 7.47 -1.99
N ILE A 333 -23.65 7.09 -3.26
CA ILE A 333 -24.86 6.90 -4.04
C ILE A 333 -24.68 5.78 -5.08
N VAL A 334 -25.79 5.07 -5.35
CA VAL A 334 -25.90 4.08 -6.38
C VAL A 334 -27.15 4.41 -7.17
N MET A 335 -26.97 4.50 -8.48
CA MET A 335 -28.07 4.73 -9.39
C MET A 335 -28.08 3.60 -10.41
N LEU A 336 -29.13 2.76 -10.41
CA LEU A 336 -29.29 1.66 -11.39
C LEU A 336 -30.53 1.89 -12.23
N ALA A 337 -30.37 1.82 -13.54
CA ALA A 337 -31.47 2.05 -14.50
C ALA A 337 -31.44 0.97 -15.59
N ASN A 338 -32.62 0.58 -16.08
CA ASN A 338 -32.72 -0.33 -17.22
C ASN A 338 -32.89 0.39 -18.56
N LYS A 339 -32.11 1.46 -18.71
CA LYS A 339 -31.82 2.08 -20.01
C LYS A 339 -30.38 2.61 -19.95
N ASN A 340 -29.63 2.42 -21.01
CA ASN A 340 -28.32 3.02 -21.18
C ASN A 340 -28.53 4.50 -21.57
N TYR A 341 -28.57 5.40 -20.58
CA TYR A 341 -28.72 6.85 -20.81
C TYR A 341 -27.36 7.52 -20.56
N PRO A 342 -27.13 8.71 -21.14
CA PRO A 342 -25.76 9.27 -21.18
C PRO A 342 -25.07 9.49 -19.82
N ASN A 343 -23.80 9.09 -19.76
CA ASN A 343 -22.99 9.22 -18.52
C ASN A 343 -23.11 10.57 -17.81
N PRO A 344 -23.02 11.69 -18.55
CA PRO A 344 -23.00 12.98 -17.88
C PRO A 344 -24.28 13.27 -17.09
N ALA A 345 -25.42 12.81 -17.60
CA ALA A 345 -26.68 12.91 -16.88
C ALA A 345 -26.65 12.14 -15.55
N ARG A 346 -25.91 11.03 -15.54
CA ARG A 346 -25.79 10.22 -14.33
C ARG A 346 -25.02 11.00 -13.29
N VAL A 347 -23.86 11.49 -13.73
CA VAL A 347 -22.91 12.14 -12.82
C VAL A 347 -23.45 13.47 -12.28
N ASP A 348 -24.15 14.20 -13.15
CA ASP A 348 -24.76 15.48 -12.78
CA ASP A 348 -24.77 15.47 -12.79
C ASP A 348 -25.78 15.24 -11.66
N ALA A 349 -26.64 14.24 -11.84
CA ALA A 349 -27.64 13.92 -10.83
C ALA A 349 -26.99 13.46 -9.51
N ALA A 350 -25.97 12.60 -9.60
CA ALA A 350 -25.22 12.13 -8.44
C ALA A 350 -24.56 13.27 -7.69
N TRP A 351 -23.93 14.19 -8.43
CA TRP A 351 -23.27 15.33 -7.79
CA TRP A 351 -23.28 15.40 -7.87
C TRP A 351 -24.29 16.25 -7.10
N GLN A 352 -25.39 16.55 -7.77
CA GLN A 352 -26.44 17.37 -7.17
CA GLN A 352 -26.45 17.37 -7.18
C GLN A 352 -26.93 16.79 -5.86
N ILE A 353 -27.13 15.47 -5.84
CA ILE A 353 -27.59 14.79 -4.63
C ILE A 353 -26.55 14.81 -3.50
N LEU A 354 -25.32 14.38 -3.79
CA LEU A 354 -24.27 14.32 -2.79
C LEU A 354 -23.84 15.71 -2.31
N ASN A 355 -23.76 16.65 -3.24
CA ASN A 355 -23.42 18.03 -2.86
C ASN A 355 -24.42 18.60 -1.85
N ALA A 356 -25.71 18.34 -2.07
CA ALA A 356 -26.77 18.81 -1.17
C ALA A 356 -26.71 18.18 0.21
N LEU A 357 -26.20 16.95 0.32
CA LEU A 357 -26.12 16.23 1.59
C LEU A 357 -24.78 16.35 2.31
N GLN A 358 -23.81 16.94 1.63
CA GLN A 358 -22.40 16.97 2.10
C GLN A 358 -22.27 17.99 3.18
N ALA B 1 13.53 -18.79 30.98
CA ALA B 1 12.83 -18.93 29.65
C ALA B 1 12.80 -20.41 29.23
N PRO B 2 11.89 -20.79 28.29
CA PRO B 2 11.81 -22.16 27.77
C PRO B 2 13.17 -22.73 27.37
N GLN B 3 13.32 -24.04 27.55
CA GLN B 3 14.63 -24.67 27.49
C GLN B 3 15.26 -24.54 26.12
N GLN B 4 14.45 -24.74 25.08
N GLN B 4 14.49 -24.73 25.04
CA GLN B 4 14.93 -24.62 23.70
CA GLN B 4 15.10 -24.63 23.70
C GLN B 4 15.51 -23.23 23.41
C GLN B 4 15.56 -23.20 23.39
N ILE B 5 14.82 -22.19 23.87
CA ILE B 5 15.24 -20.80 23.68
C ILE B 5 16.48 -20.52 24.54
N ASN B 6 16.41 -20.87 25.82
CA ASN B 6 17.56 -20.70 26.73
C ASN B 6 18.84 -21.30 26.19
N ASP B 7 18.72 -22.53 25.69
CA ASP B 7 19.85 -23.30 25.23
C ASP B 7 20.51 -22.67 24.03
N ILE B 8 19.73 -22.36 22.99
CA ILE B 8 20.34 -21.86 21.76
C ILE B 8 20.91 -20.43 21.97
N VAL B 9 20.26 -19.63 22.81
CA VAL B 9 20.74 -18.27 23.09
C VAL B 9 22.07 -18.35 23.85
N HIS B 10 22.11 -19.15 24.93
CA HIS B 10 23.34 -19.26 25.73
C HIS B 10 24.50 -19.77 24.91
N ARG B 11 24.26 -20.81 24.11
CA ARG B 11 25.40 -21.37 23.38
CA ARG B 11 25.28 -21.46 23.28
C ARG B 11 25.79 -20.60 22.13
N THR B 12 24.94 -19.67 21.68
CA THR B 12 25.26 -18.79 20.56
C THR B 12 25.85 -17.44 21.02
N ILE B 13 25.21 -16.79 22.00
CA ILE B 13 25.62 -15.43 22.43
C ILE B 13 26.81 -15.38 23.38
N THR B 14 26.88 -16.32 24.32
CA THR B 14 27.99 -16.32 25.27
C THR B 14 29.36 -16.42 24.57
N PRO B 15 29.54 -17.35 23.61
CA PRO B 15 30.74 -17.36 22.77
C PRO B 15 30.98 -16.13 21.93
N LEU B 16 29.92 -15.55 21.37
CA LEU B 16 30.03 -14.30 20.64
C LEU B 16 30.62 -13.22 21.55
N ILE B 17 30.08 -13.08 22.74
CA ILE B 17 30.56 -12.06 23.70
C ILE B 17 32.06 -12.25 23.99
N GLU B 18 32.43 -13.51 24.18
CA GLU B 18 33.82 -13.88 24.40
C GLU B 18 34.71 -13.49 23.23
N GLN B 19 34.35 -13.96 22.04
CA GLN B 19 35.12 -13.72 20.83
C GLN B 19 35.30 -12.25 20.47
N GLN B 20 34.22 -11.48 20.61
CA GLN B 20 34.21 -10.07 20.21
C GLN B 20 34.56 -9.16 21.38
N LYS B 21 34.66 -9.73 22.56
CA LYS B 21 34.99 -8.98 23.77
C LYS B 21 33.99 -7.86 24.00
N ILE B 22 32.72 -8.23 24.02
CA ILE B 22 31.64 -7.27 24.22
C ILE B 22 31.48 -7.06 25.72
N PRO B 23 31.57 -5.81 26.20
CA PRO B 23 31.43 -5.56 27.63
C PRO B 23 30.05 -5.81 28.21
N GLY B 24 29.03 -5.47 27.44
CA GLY B 24 27.65 -5.62 27.88
C GLY B 24 26.74 -5.89 26.68
N MET B 25 25.71 -6.67 26.92
CA MET B 25 24.86 -7.11 25.82
C MET B 25 23.47 -7.47 26.36
N ALA B 26 22.45 -7.15 25.57
CA ALA B 26 21.10 -7.55 25.88
C ALA B 26 20.49 -8.13 24.61
N VAL B 27 19.74 -9.23 24.79
CA VAL B 27 19.09 -9.95 23.73
C VAL B 27 17.64 -10.18 24.09
N ALA B 28 16.76 -9.98 23.12
CA ALA B 28 15.39 -10.45 23.22
C ALA B 28 15.05 -11.40 22.06
N VAL B 29 14.42 -12.52 22.38
CA VAL B 29 13.84 -13.42 21.41
C VAL B 29 12.32 -13.37 21.55
N ILE B 30 11.66 -13.05 20.44
CA ILE B 30 10.21 -13.14 20.36
CA ILE B 30 10.22 -13.13 20.35
C ILE B 30 9.88 -14.51 19.80
N TYR B 31 9.16 -15.31 20.56
CA TYR B 31 8.82 -16.66 20.14
C TYR B 31 7.33 -16.84 20.28
N GLN B 32 6.69 -17.19 19.16
CA GLN B 32 5.23 -17.21 19.05
C GLN B 32 4.66 -15.90 19.61
N GLY B 33 5.22 -14.78 19.16
CA GLY B 33 4.78 -13.44 19.60
C GLY B 33 5.14 -12.95 21.00
N LYS B 34 5.66 -13.82 21.88
CA LYS B 34 5.98 -13.44 23.25
C LYS B 34 7.49 -13.29 23.48
N PRO B 35 7.90 -12.31 24.31
CA PRO B 35 9.31 -11.98 24.48
C PRO B 35 10.02 -12.75 25.58
N TYR B 36 11.30 -13.03 25.34
CA TYR B 36 12.20 -13.67 26.30
C TYR B 36 13.51 -12.91 26.33
N TYR B 37 13.98 -12.58 27.53
CA TYR B 37 15.07 -11.63 27.67
C TYR B 37 16.32 -12.20 28.30
N PHE B 38 17.46 -11.69 27.86
CA PHE B 38 18.76 -12.15 28.31
C PHE B 38 19.68 -10.96 28.41
N THR B 39 20.48 -10.94 29.46
CA THR B 39 21.41 -9.83 29.68
CA THR B 39 21.40 -9.82 29.72
C THR B 39 22.75 -10.34 30.20
N TRP B 40 23.82 -9.68 29.77
CA TRP B 40 25.19 -10.03 30.17
C TRP B 40 26.03 -8.77 30.38
N GLY B 41 26.96 -8.86 31.34
CA GLY B 41 28.04 -7.91 31.41
C GLY B 41 27.65 -6.56 31.96
N TYR B 42 28.38 -5.54 31.53
CA TYR B 42 28.31 -4.20 32.12
C TYR B 42 27.83 -3.13 31.14
N ALA B 43 26.82 -2.36 31.58
CA ALA B 43 26.45 -1.06 30.96
C ALA B 43 27.53 0.01 31.13
N ASP B 44 28.22 -0.04 32.28
CA ASP B 44 29.31 0.88 32.64
C ASP B 44 30.39 0.06 33.35
N ILE B 45 31.54 -0.07 32.69
CA ILE B 45 32.64 -0.92 33.16
C ILE B 45 33.22 -0.37 34.46
N ALA B 46 33.59 0.91 34.44
CA ALA B 46 34.18 1.59 35.61
C ALA B 46 33.31 1.54 36.87
N LYS B 47 32.02 1.81 36.75
CA LYS B 47 31.10 1.73 37.89
C LYS B 47 30.63 0.31 38.20
N LYS B 48 30.98 -0.67 37.35
CA LYS B 48 30.46 -2.04 37.45
C LYS B 48 28.95 -2.07 37.53
N GLN B 49 28.29 -1.25 36.71
CA GLN B 49 26.83 -1.29 36.60
C GLN B 49 26.44 -2.36 35.57
N PRO B 50 25.60 -3.33 35.98
CA PRO B 50 25.22 -4.37 35.05
C PRO B 50 24.17 -3.89 34.02
N VAL B 51 24.19 -4.53 32.86
CA VAL B 51 23.14 -4.39 31.86
C VAL B 51 21.88 -4.99 32.47
N THR B 52 20.77 -4.27 32.37
CA THR B 52 19.49 -4.78 32.78
C THR B 52 18.51 -4.55 31.64
N GLN B 53 17.27 -4.96 31.87
CA GLN B 53 16.24 -4.72 30.86
CA GLN B 53 16.11 -4.73 30.99
C GLN B 53 15.80 -3.24 30.77
N GLN B 54 16.36 -2.40 31.64
CA GLN B 54 16.09 -0.97 31.56
CA GLN B 54 16.13 -0.96 31.65
C GLN B 54 17.28 -0.17 31.02
N THR B 55 18.38 -0.86 30.69
CA THR B 55 19.55 -0.21 30.10
C THR B 55 19.27 0.32 28.69
N LEU B 56 19.65 1.57 28.44
CA LEU B 56 19.52 2.18 27.10
C LEU B 56 20.81 2.02 26.34
N PHE B 57 20.64 1.52 25.11
CA PHE B 57 21.69 1.38 24.13
C PHE B 57 21.44 2.34 22.96
N GLU B 58 22.52 2.83 22.37
CA GLU B 58 22.49 3.53 21.08
C GLU B 58 22.16 2.54 19.97
N LEU B 59 21.06 2.79 19.29
CA LEU B 59 20.63 1.91 18.18
C LEU B 59 21.41 2.13 16.91
N GLY B 60 22.07 3.28 16.80
CA GLY B 60 22.67 3.72 15.56
C GLY B 60 21.65 3.60 14.45
N SER B 61 22.08 3.02 13.33
CA SER B 61 21.25 2.94 12.13
C SER B 61 19.98 2.12 12.24
N VAL B 62 19.83 1.28 13.27
CA VAL B 62 18.53 0.65 13.53
C VAL B 62 17.40 1.74 13.72
N SER B 63 17.81 2.95 14.12
CA SER B 63 16.96 4.17 14.15
C SER B 63 16.21 4.40 12.84
N LYS B 64 16.86 4.11 11.71
CA LYS B 64 16.24 4.22 10.39
C LYS B 64 14.91 3.47 10.27
N THR B 65 14.74 2.35 11.01
CA THR B 65 13.46 1.64 11.01
C THR B 65 12.32 2.47 11.64
N PHE B 66 12.62 3.25 12.67
CA PHE B 66 11.66 4.20 13.24
C PHE B 66 11.38 5.34 12.27
N THR B 67 12.42 5.86 11.62
CA THR B 67 12.23 6.92 10.60
C THR B 67 11.34 6.44 9.43
N GLY B 68 11.63 5.25 8.93
CA GLY B 68 10.77 4.61 7.92
C GLY B 68 9.29 4.52 8.32
N VAL B 69 9.05 3.98 9.51
CA VAL B 69 7.70 3.82 10.00
C VAL B 69 7.01 5.19 10.23
N LEU B 70 7.75 6.15 10.76
CA LEU B 70 7.20 7.52 10.92
C LEU B 70 6.83 8.13 9.58
N GLY B 71 7.68 7.92 8.58
CA GLY B 71 7.35 8.35 7.22
C GLY B 71 6.12 7.65 6.67
N GLY B 72 6.01 6.34 6.94
CA GLY B 72 4.85 5.57 6.51
C GLY B 72 3.58 6.09 7.18
N ASP B 73 3.69 6.42 8.47
CA ASP B 73 2.58 7.01 9.20
C ASP B 73 2.17 8.37 8.59
N ALA B 74 3.16 9.19 8.17
CA ALA B 74 2.87 10.46 7.50
C ALA B 74 2.17 10.26 6.17
N ILE B 75 2.62 9.29 5.38
CA ILE B 75 1.90 8.92 4.14
C ILE B 75 0.43 8.55 4.43
N ALA B 76 0.23 7.65 5.39
CA ALA B 76 -1.11 7.17 5.82
C ALA B 76 -2.01 8.31 6.30
N ARG B 77 -1.40 9.32 6.91
CA ARG B 77 -2.11 10.54 7.34
C ARG B 77 -2.46 11.47 6.17
N GLY B 78 -1.91 11.23 4.98
CA GLY B 78 -2.09 12.13 3.81
C GLY B 78 -1.23 13.39 3.88
N GLU B 79 -0.26 13.42 4.78
CA GLU B 79 0.64 14.58 4.92
C GLU B 79 1.71 14.65 3.84
N ILE B 80 2.18 13.48 3.39
CA ILE B 80 3.16 13.39 2.33
C ILE B 80 2.83 12.25 1.37
N LYS B 81 3.47 12.28 0.21
CA LYS B 81 3.48 11.16 -0.74
C LYS B 81 4.91 10.86 -1.17
N LEU B 82 5.26 9.59 -1.26
CA LEU B 82 6.63 9.20 -1.65
C LEU B 82 6.93 9.59 -3.08
N SER B 83 5.86 9.75 -3.87
CA SER B 83 5.97 10.23 -5.25
C SER B 83 6.30 11.71 -5.41
N ASP B 84 6.13 12.49 -4.36
CA ASP B 84 6.39 13.91 -4.47
C ASP B 84 7.87 14.26 -4.61
N PRO B 85 8.17 15.31 -5.40
CA PRO B 85 9.54 15.82 -5.43
CA PRO B 85 9.54 15.82 -5.43
C PRO B 85 9.97 16.35 -4.06
N THR B 86 11.25 16.18 -3.76
CA THR B 86 11.85 16.69 -2.55
C THR B 86 11.55 18.19 -2.40
N THR B 87 11.63 18.90 -3.53
CA THR B 87 11.47 20.35 -3.52
CA THR B 87 11.42 20.36 -3.61
C THR B 87 10.08 20.82 -3.07
N LYS B 88 9.07 19.96 -3.17
CA LYS B 88 7.74 20.26 -2.66
C LYS B 88 7.78 20.55 -1.18
N TYR B 89 8.61 19.83 -0.44
CA TYR B 89 8.72 20.00 1.01
C TYR B 89 9.88 20.93 1.39
N TRP B 90 10.70 21.32 0.41
CA TRP B 90 11.83 22.25 0.67
C TRP B 90 11.97 23.21 -0.52
N PRO B 91 11.07 24.22 -0.61
CA PRO B 91 11.08 25.13 -1.75
C PRO B 91 12.39 25.84 -2.03
N GLU B 92 13.21 26.02 -0.98
CA GLU B 92 14.46 26.70 -1.10
C GLU B 92 15.51 25.85 -1.83
N LEU B 93 15.23 24.56 -1.98
CA LEU B 93 16.15 23.64 -2.68
C LEU B 93 15.91 23.73 -4.18
N THR B 94 16.51 24.76 -4.80
CA THR B 94 16.22 25.15 -6.18
C THR B 94 17.20 24.68 -7.26
N ALA B 95 18.33 24.13 -6.87
CA ALA B 95 19.37 23.73 -7.82
C ALA B 95 18.85 22.62 -8.74
N LYS B 96 19.26 22.71 -10.01
CA LYS B 96 18.68 21.90 -11.11
C LYS B 96 18.80 20.39 -10.94
N GLN B 97 19.85 19.93 -10.26
CA GLN B 97 20.10 18.48 -10.07
C GLN B 97 19.01 17.79 -9.24
N TRP B 98 18.17 18.56 -8.58
CA TRP B 98 17.11 18.01 -7.73
C TRP B 98 15.86 17.65 -8.52
N ASN B 99 15.81 18.05 -9.80
CA ASN B 99 14.68 17.70 -10.65
CA ASN B 99 14.67 17.68 -10.65
C ASN B 99 14.53 16.17 -10.72
N GLY B 100 13.35 15.67 -10.46
CA GLY B 100 13.13 14.24 -10.48
C GLY B 100 13.52 13.44 -9.24
N ILE B 101 14.14 14.07 -8.23
CA ILE B 101 14.49 13.35 -7.00
C ILE B 101 13.34 13.45 -6.00
N THR B 102 12.68 12.31 -5.73
CA THR B 102 11.48 12.27 -4.91
C THR B 102 11.78 11.85 -3.49
N LEU B 103 10.79 11.98 -2.62
CA LEU B 103 10.94 11.48 -1.27
C LEU B 103 11.23 9.97 -1.25
N LEU B 104 10.65 9.21 -2.18
CA LEU B 104 11.01 7.79 -2.32
C LEU B 104 12.53 7.58 -2.47
N HIS B 105 13.13 8.37 -3.34
CA HIS B 105 14.57 8.28 -3.61
C HIS B 105 15.36 8.55 -2.34
N LEU B 106 14.97 9.58 -1.60
CA LEU B 106 15.67 9.91 -0.36
C LEU B 106 15.52 8.77 0.66
N ALA B 107 14.27 8.31 0.86
CA ALA B 107 13.98 7.24 1.84
C ALA B 107 14.74 5.95 1.59
N THR B 108 15.00 5.65 0.32
CA THR B 108 15.54 4.34 -0.09
C THR B 108 16.99 4.39 -0.65
N TYR B 109 17.68 5.52 -0.42
CA TYR B 109 19.09 5.71 -0.78
C TYR B 109 19.30 5.66 -2.30
N THR B 110 18.26 6.02 -3.08
CA THR B 110 18.31 5.89 -4.54
C THR B 110 18.33 7.24 -5.31
N ALA B 111 18.68 8.32 -4.62
CA ALA B 111 18.71 9.67 -5.19
C ALA B 111 19.83 9.88 -6.22
N GLY B 112 20.85 9.03 -6.19
CA GLY B 112 21.98 9.13 -7.13
C GLY B 112 23.30 9.45 -6.48
N GLY B 113 23.54 8.88 -5.31
CA GLY B 113 24.86 8.97 -4.64
C GLY B 113 25.02 10.04 -3.59
N LEU B 114 23.93 10.39 -2.89
CA LEU B 114 24.07 11.16 -1.67
C LEU B 114 25.02 10.43 -0.73
N PRO B 115 25.91 11.17 -0.05
CA PRO B 115 26.98 10.53 0.70
C PRO B 115 26.56 9.82 2.00
N LEU B 116 27.32 8.80 2.36
CA LEU B 116 27.07 8.02 3.57
C LEU B 116 26.84 8.88 4.81
N GLN B 117 27.68 9.91 4.97
CA GLN B 117 27.62 10.84 6.09
C GLN B 117 27.45 12.26 5.57
N VAL B 118 26.65 13.04 6.27
CA VAL B 118 26.61 14.47 6.10
C VAL B 118 27.97 14.94 6.63
N PRO B 119 28.69 15.79 5.86
CA PRO B 119 29.99 16.26 6.36
C PRO B 119 29.91 16.81 7.77
N ASP B 120 30.97 16.52 8.52
CA ASP B 120 30.98 16.77 9.96
CA ASP B 120 31.04 16.78 9.96
C ASP B 120 30.77 18.26 10.29
N GLU B 121 31.14 19.14 9.36
CA GLU B 121 31.06 20.59 9.61
C GLU B 121 29.66 21.19 9.38
N VAL B 122 28.77 20.43 8.78
CA VAL B 122 27.39 20.87 8.58
C VAL B 122 26.66 20.78 9.91
N LYS B 123 26.11 21.90 10.36
CA LYS B 123 25.41 21.92 11.64
C LYS B 123 24.04 22.55 11.50
N SER B 124 24.04 23.79 11.04
CA SER B 124 22.84 24.62 10.95
C SER B 124 22.02 24.37 9.70
N SER B 125 20.78 24.88 9.73
CA SER B 125 19.87 24.76 8.60
CA SER B 125 19.86 24.79 8.60
C SER B 125 20.47 25.39 7.34
N SER B 126 21.12 26.54 7.48
CA SER B 126 21.82 27.18 6.37
CA SER B 126 21.83 27.19 6.37
CA SER B 126 21.82 27.17 6.36
C SER B 126 22.95 26.30 5.83
N ASP B 127 23.71 25.67 6.74
CA ASP B 127 24.78 24.73 6.34
C ASP B 127 24.18 23.59 5.54
N LEU B 128 23.04 23.11 6.01
CA LEU B 128 22.38 21.95 5.41
C LEU B 128 21.87 22.31 4.01
N LEU B 129 21.24 23.48 3.87
CA LEU B 129 20.81 23.97 2.55
C LEU B 129 21.97 24.06 1.56
N ARG B 130 23.09 24.64 1.98
CA ARG B 130 24.27 24.77 1.12
C ARG B 130 24.79 23.43 0.66
N PHE B 131 24.87 22.50 1.61
CA PHE B 131 25.32 21.15 1.34
C PHE B 131 24.48 20.50 0.25
N TYR B 132 23.17 20.48 0.44
CA TYR B 132 22.33 19.84 -0.59
C TYR B 132 22.26 20.60 -1.92
N GLN B 133 22.31 21.92 -1.87
CA GLN B 133 22.27 22.74 -3.09
C GLN B 133 23.54 22.49 -3.93
N ASN B 134 24.64 22.24 -3.24
CA ASN B 134 25.97 22.01 -3.86
C ASN B 134 26.24 20.55 -4.29
N TRP B 135 25.44 19.62 -3.80
CA TRP B 135 25.69 18.22 -4.05
C TRP B 135 25.46 17.88 -5.51
N GLN B 136 26.41 17.20 -6.12
CA GLN B 136 26.23 16.73 -7.50
C GLN B 136 26.21 15.20 -7.52
N PRO B 137 25.18 14.63 -8.14
CA PRO B 137 24.99 13.19 -8.11
C PRO B 137 26.05 12.42 -8.90
N ALA B 138 26.26 11.19 -8.47
CA ALA B 138 27.11 10.23 -9.14
C ALA B 138 26.36 9.49 -10.25
N TRP B 139 25.04 9.37 -10.09
CA TRP B 139 24.16 8.63 -10.99
C TRP B 139 22.82 9.36 -11.12
N ALA B 140 22.05 8.99 -12.13
CA ALA B 140 20.70 9.50 -12.27
C ALA B 140 19.75 8.93 -11.18
N PRO B 141 18.66 9.64 -10.87
CA PRO B 141 17.77 9.14 -9.83
C PRO B 141 17.17 7.76 -10.14
N GLY B 142 17.02 6.93 -9.11
CA GLY B 142 16.35 5.64 -9.26
C GLY B 142 17.11 4.57 -10.04
N THR B 143 18.43 4.70 -10.08
CA THR B 143 19.27 3.72 -10.80
C THR B 143 20.22 2.92 -9.90
N GLN B 144 20.70 3.54 -8.83
CA GLN B 144 21.70 2.95 -7.90
C GLN B 144 21.33 3.18 -6.44
N ARG B 145 21.40 2.12 -5.62
CA ARG B 145 21.25 2.21 -4.19
C ARG B 145 22.62 2.38 -3.52
N LEU B 146 22.74 3.44 -2.74
CA LEU B 146 23.96 3.69 -1.97
C LEU B 146 23.57 4.11 -0.58
N TYR B 147 23.77 3.20 0.38
CA TYR B 147 23.36 3.43 1.76
C TYR B 147 23.93 4.76 2.24
N ALA B 148 23.06 5.60 2.80
CA ALA B 148 23.41 7.01 3.06
C ALA B 148 22.56 7.65 4.15
N ASN B 149 23.23 8.12 5.20
CA ASN B 149 22.56 8.86 6.28
C ASN B 149 22.03 10.19 5.80
N SER B 150 22.72 10.77 4.81
CA SER B 150 22.36 12.05 4.22
C SER B 150 21.09 11.96 3.35
N SER B 151 20.75 10.75 2.90
CA SER B 151 19.59 10.46 2.10
C SER B 151 18.35 10.24 3.01
N ILE B 152 18.33 9.16 3.78
CA ILE B 152 17.17 8.90 4.66
C ILE B 152 17.03 9.96 5.78
N GLY B 153 18.15 10.56 6.18
CA GLY B 153 18.09 11.66 7.15
C GLY B 153 17.28 12.83 6.65
N LEU B 154 17.49 13.21 5.38
CA LEU B 154 16.72 14.29 4.78
C LEU B 154 15.25 13.89 4.62
N PHE B 155 15.00 12.66 4.18
CA PHE B 155 13.62 12.16 4.12
C PHE B 155 12.91 12.35 5.47
N GLY B 156 13.56 11.94 6.56
CA GLY B 156 13.01 12.08 7.91
C GLY B 156 12.63 13.52 8.27
N ALA B 157 13.54 14.44 7.99
CA ALA B 157 13.34 15.86 8.27
C ALA B 157 12.19 16.43 7.44
N LEU B 158 12.13 16.10 6.16
CA LEU B 158 11.04 16.56 5.31
C LEU B 158 9.69 15.88 5.56
N ALA B 159 9.72 14.62 6.00
CA ALA B 159 8.50 13.85 6.18
C ALA B 159 7.60 14.45 7.25
N VAL B 160 8.20 15.10 8.23
CA VAL B 160 7.42 15.69 9.33
C VAL B 160 7.08 17.16 9.11
N LYS B 161 7.49 17.74 7.99
CA LYS B 161 7.31 19.19 7.83
C LYS B 161 5.83 19.58 7.74
N PRO B 162 5.02 18.86 6.91
CA PRO B 162 3.60 19.21 6.86
C PRO B 162 2.83 19.16 8.20
N SER B 163 3.23 18.27 9.10
CA SER B 163 2.62 18.16 10.43
C SER B 163 2.88 19.37 11.30
N GLY B 164 3.92 20.12 10.97
CA GLY B 164 4.39 21.22 11.80
C GLY B 164 5.14 20.80 13.05
N LEU B 165 5.28 19.50 13.28
CA LEU B 165 6.02 19.01 14.45
C LEU B 165 7.50 18.87 14.17
N SER B 166 8.32 19.07 15.18
CA SER B 166 9.72 18.66 15.13
C SER B 166 9.78 17.15 14.90
N PHE B 167 10.90 16.70 14.36
CA PHE B 167 11.12 15.28 14.15
C PHE B 167 10.97 14.53 15.47
N GLU B 168 11.60 15.03 16.54
CA GLU B 168 11.52 14.33 17.83
C GLU B 168 10.09 14.24 18.38
N GLN B 169 9.34 15.34 18.30
CA GLN B 169 7.97 15.35 18.83
C GLN B 169 7.04 14.48 18.02
N ALA B 170 7.21 14.52 16.69
CA ALA B 170 6.48 13.61 15.79
C ALA B 170 6.76 12.15 16.15
N MET B 171 8.03 11.78 16.28
CA MET B 171 8.40 10.40 16.57
C MET B 171 7.87 9.97 17.94
N GLN B 172 8.06 10.83 18.93
CA GLN B 172 7.58 10.51 20.27
C GLN B 172 6.07 10.32 20.33
N THR B 173 5.31 11.21 19.68
CA THR B 173 3.87 11.20 19.87
C THR B 173 3.17 10.26 18.91
N ARG B 174 3.81 9.96 17.77
CA ARG B 174 3.17 9.20 16.71
C ARG B 174 3.62 7.76 16.64
N VAL B 175 4.79 7.48 17.21
CA VAL B 175 5.35 6.14 17.18
C VAL B 175 5.70 5.60 18.57
N PHE B 176 6.55 6.29 19.32
CA PHE B 176 7.00 5.76 20.61
C PHE B 176 5.79 5.55 21.55
N GLN B 177 5.00 6.60 21.72
CA GLN B 177 3.90 6.55 22.70
C GLN B 177 2.77 5.58 22.36
N PRO B 178 2.26 5.62 21.13
CA PRO B 178 1.24 4.63 20.83
C PRO B 178 1.68 3.17 21.05
N LEU B 179 2.98 2.90 20.88
CA LEU B 179 3.49 1.54 21.03
C LEU B 179 4.03 1.29 22.45
N LYS B 180 3.90 2.30 23.31
CA LYS B 180 4.23 2.17 24.73
C LYS B 180 5.71 1.84 24.89
N LEU B 181 6.53 2.50 24.09
CA LEU B 181 7.98 2.43 24.18
C LEU B 181 8.35 3.55 25.15
N ASN B 182 8.22 3.26 26.43
CA ASN B 182 8.26 4.27 27.48
C ASN B 182 9.67 4.66 27.93
N HIS B 183 10.66 3.97 27.36
CA HIS B 183 12.07 4.16 27.69
C HIS B 183 12.93 4.27 26.43
N THR B 184 12.31 4.78 25.37
CA THR B 184 12.96 5.04 24.10
C THR B 184 13.00 6.56 23.83
N TRP B 185 14.18 7.05 23.46
CA TRP B 185 14.48 8.48 23.34
C TRP B 185 15.46 8.80 22.22
N ILE B 186 15.23 9.93 21.56
CA ILE B 186 16.18 10.58 20.68
C ILE B 186 17.14 11.40 21.55
N ASN B 187 16.57 12.15 22.50
CA ASN B 187 17.35 12.84 23.53
C ASN B 187 17.02 12.27 24.90
N VAL B 188 18.01 11.60 25.50
CA VAL B 188 17.82 10.91 26.77
C VAL B 188 17.67 11.99 27.88
N PRO B 189 16.57 11.95 28.65
CA PRO B 189 16.37 12.98 29.67
C PRO B 189 17.16 12.67 30.95
N PRO B 190 17.35 13.67 31.84
CA PRO B 190 18.14 13.40 33.07
C PRO B 190 17.70 12.16 33.90
N ALA B 191 16.41 11.92 33.99
CA ALA B 191 15.87 10.76 34.73
C ALA B 191 16.38 9.40 34.21
N GLU B 192 16.79 9.33 32.94
CA GLU B 192 17.24 8.08 32.33
C GLU B 192 18.75 7.99 32.13
N GLU B 193 19.48 9.06 32.43
CA GLU B 193 20.94 9.06 32.24
C GLU B 193 21.63 7.91 32.97
N LYS B 194 21.14 7.59 34.17
CA LYS B 194 21.69 6.49 34.98
C LYS B 194 21.55 5.11 34.31
N ASN B 195 20.61 5.00 33.36
CA ASN B 195 20.35 3.77 32.61
C ASN B 195 20.99 3.73 31.23
N TYR B 196 21.58 4.85 30.83
CA TYR B 196 22.14 5.00 29.50
C TYR B 196 23.54 4.42 29.54
N ALA B 197 23.70 3.26 28.91
CA ALA B 197 24.96 2.54 28.91
C ALA B 197 26.03 3.38 28.24
N TRP B 198 27.29 3.20 28.64
CA TRP B 198 28.40 3.70 27.83
C TRP B 198 28.70 2.75 26.68
N GLY B 199 29.06 3.31 25.54
CA GLY B 199 29.64 2.55 24.44
C GLY B 199 31.12 2.40 24.68
N TYR B 200 31.73 1.38 24.10
CA TYR B 200 33.20 1.21 24.23
C TYR B 200 33.88 1.04 22.90
N ARG B 201 34.79 1.97 22.63
CA ARG B 201 35.61 1.95 21.43
CA ARG B 201 35.61 1.99 21.42
C ARG B 201 37.06 2.11 21.86
N GLU B 202 37.88 1.13 21.49
CA GLU B 202 39.30 1.04 21.93
C GLU B 202 39.39 1.24 23.45
N GLY B 203 38.50 0.56 24.17
CA GLY B 203 38.45 0.63 25.63
C GLY B 203 37.97 1.94 26.25
N LYS B 204 37.61 2.91 25.42
CA LYS B 204 37.21 4.21 25.90
C LYS B 204 35.69 4.32 25.90
N ALA B 205 35.14 4.79 27.02
CA ALA B 205 33.71 5.01 27.16
C ALA B 205 33.30 6.19 26.28
N VAL B 206 32.37 5.93 25.35
CA VAL B 206 31.94 6.91 24.34
C VAL B 206 30.42 6.92 24.20
N HIS B 207 29.90 8.08 23.80
CA HIS B 207 28.52 8.24 23.37
C HIS B 207 28.54 8.88 22.00
N VAL B 208 27.46 8.70 21.25
CA VAL B 208 27.38 9.23 19.90
C VAL B 208 27.48 10.76 19.99
N SER B 209 28.19 11.40 19.07
CA SER B 209 28.27 12.86 19.08
CA SER B 209 28.31 12.86 19.04
C SER B 209 27.17 13.51 18.24
N PRO B 210 26.85 14.77 18.54
CA PRO B 210 25.80 15.40 17.76
C PRO B 210 26.22 15.54 16.30
N GLY B 211 25.25 15.54 15.41
CA GLY B 211 25.52 15.62 13.98
C GLY B 211 24.27 16.11 13.27
N ALA B 212 24.45 16.73 12.11
CA ALA B 212 23.29 17.15 11.32
C ALA B 212 22.49 15.89 10.96
N LEU B 213 21.19 15.97 11.14
CA LEU B 213 20.27 14.87 10.76
C LEU B 213 20.57 13.57 11.51
N ASP B 214 21.11 13.71 12.73
CA ASP B 214 21.44 12.58 13.55
C ASP B 214 20.21 11.81 14.03
N ALA B 215 19.23 12.52 14.55
CA ALA B 215 17.98 11.89 15.03
C ALA B 215 17.35 11.02 13.95
N GLU B 216 17.32 11.58 12.74
CA GLU B 216 16.68 10.95 11.56
C GLU B 216 17.40 9.70 11.05
N ALA B 217 18.73 9.69 11.13
CA ALA B 217 19.54 8.62 10.54
C ALA B 217 20.08 7.59 11.54
N TYR B 218 20.36 8.00 12.77
CA TYR B 218 21.07 7.14 13.73
C TYR B 218 20.94 7.48 15.24
N GLY B 219 19.93 8.24 15.63
CA GLY B 219 19.92 8.86 16.94
C GLY B 219 18.98 8.37 18.02
N VAL B 220 18.35 7.21 17.83
CA VAL B 220 17.46 6.64 18.85
C VAL B 220 18.23 5.82 19.87
N LYS B 221 17.91 6.01 21.16
CA LYS B 221 18.35 5.12 22.24
C LYS B 221 17.13 4.39 22.79
N SER B 222 17.32 3.10 23.13
CA SER B 222 16.20 2.29 23.58
C SER B 222 16.68 1.11 24.46
N THR B 223 15.73 0.49 25.14
CA THR B 223 16.00 -0.67 26.00
C THR B 223 15.64 -1.97 25.29
N ILE B 224 16.08 -3.10 25.85
CA ILE B 224 15.74 -4.40 25.28
C ILE B 224 14.23 -4.64 25.34
N GLU B 225 13.55 -4.14 26.38
CA GLU B 225 12.11 -4.33 26.47
C GLU B 225 11.38 -3.57 25.39
N ASP B 226 11.74 -2.31 25.23
CA ASP B 226 11.10 -1.48 24.24
C ASP B 226 11.38 -2.03 22.83
N MET B 227 12.62 -2.45 22.58
CA MET B 227 12.97 -2.98 21.26
C MET B 227 12.22 -4.29 20.96
N ALA B 228 12.02 -5.12 21.98
CA ALA B 228 11.19 -6.33 21.83
C ALA B 228 9.76 -5.95 21.42
N ARG B 229 9.22 -4.93 22.07
CA ARG B 229 7.87 -4.47 21.75
CA ARG B 229 7.88 -4.39 21.79
C ARG B 229 7.85 -3.86 20.35
N TRP B 230 8.94 -3.20 19.97
CA TRP B 230 9.08 -2.69 18.59
C TRP B 230 9.05 -3.83 17.58
N VAL B 231 9.74 -4.93 17.91
CA VAL B 231 9.72 -6.08 17.04
C VAL B 231 8.32 -6.70 16.98
N GLN B 232 7.65 -6.84 18.12
CA GLN B 232 6.27 -7.35 18.12
C GLN B 232 5.34 -6.53 17.23
N SER B 233 5.52 -5.22 17.27
CA SER B 233 4.67 -4.25 16.52
C SER B 233 4.87 -4.38 15.02
N ASN B 234 6.12 -4.60 14.62
CA ASN B 234 6.47 -4.83 13.21
C ASN B 234 6.14 -6.24 12.70
N LEU B 235 6.20 -7.22 13.59
CA LEU B 235 5.72 -8.57 13.32
C LEU B 235 4.23 -8.62 13.08
N LYS B 236 3.46 -7.87 13.87
CA LYS B 236 1.99 -8.01 13.93
C LYS B 236 1.30 -6.64 13.94
N PRO B 237 1.41 -5.88 12.84
CA PRO B 237 0.88 -4.52 12.78
C PRO B 237 -0.64 -4.43 12.91
N LEU B 238 -1.34 -5.51 12.56
CA LEU B 238 -2.81 -5.50 12.63
C LEU B 238 -3.35 -5.46 14.05
N ASP B 239 -2.50 -5.72 15.03
CA ASP B 239 -2.86 -5.52 16.41
C ASP B 239 -2.73 -4.08 16.91
N ILE B 240 -2.11 -3.21 16.11
CA ILE B 240 -1.96 -1.80 16.47
CA ILE B 240 -1.95 -1.79 16.46
C ILE B 240 -3.27 -1.05 16.24
N ASN B 241 -3.79 -0.42 17.30
CA ASN B 241 -5.08 0.27 17.22
C ASN B 241 -5.05 1.55 16.41
N GLU B 242 -3.92 2.23 16.41
CA GLU B 242 -3.77 3.48 15.69
C GLU B 242 -3.60 3.14 14.21
N LYS B 243 -4.62 3.50 13.43
CA LYS B 243 -4.73 3.05 12.05
C LYS B 243 -3.60 3.56 11.17
N THR B 244 -3.21 4.81 11.34
CA THR B 244 -2.15 5.35 10.46
C THR B 244 -0.80 4.71 10.81
N LEU B 245 -0.64 4.29 12.07
CA LEU B 245 0.60 3.68 12.51
C LEU B 245 0.63 2.22 12.03
N GLN B 246 -0.50 1.53 12.12
CA GLN B 246 -0.65 0.21 11.53
C GLN B 246 -0.29 0.23 10.03
N GLN B 247 -0.90 1.15 9.30
CA GLN B 247 -0.63 1.35 7.86
CA GLN B 247 -0.62 1.33 7.85
C GLN B 247 0.84 1.72 7.59
N GLY B 248 1.39 2.62 8.40
CA GLY B 248 2.78 3.04 8.23
C GLY B 248 3.78 1.92 8.39
N ILE B 249 3.56 1.07 9.38
CA ILE B 249 4.39 -0.14 9.55
C ILE B 249 4.33 -1.03 8.32
N GLN B 250 3.13 -1.21 7.77
CA GLN B 250 2.94 -2.02 6.59
CA GLN B 250 2.93 -2.03 6.58
C GLN B 250 3.67 -1.38 5.42
N LEU B 251 3.58 -0.06 5.30
CA LEU B 251 4.29 0.65 4.23
C LEU B 251 5.83 0.54 4.32
N ALA B 252 6.34 0.54 5.55
CA ALA B 252 7.79 0.43 5.73
C ALA B 252 8.36 -0.95 5.35
N GLN B 253 7.50 -2.00 5.37
CA GLN B 253 7.87 -3.33 4.91
C GLN B 253 7.45 -3.67 3.47
N SER B 254 6.95 -2.69 2.73
CA SER B 254 6.70 -2.85 1.33
C SER B 254 8.04 -2.92 0.59
N ARG B 255 8.06 -3.63 -0.53
CA ARG B 255 9.30 -3.80 -1.34
C ARG B 255 9.29 -2.80 -2.48
N TYR B 256 10.19 -1.81 -2.40
CA TYR B 256 10.24 -0.69 -3.36
C TYR B 256 11.29 -0.91 -4.45
N TRP B 257 12.40 -1.55 -4.10
CA TRP B 257 13.51 -1.84 -4.99
C TRP B 257 14.07 -3.21 -4.69
N GLN B 258 14.63 -3.84 -5.71
CA GLN B 258 15.35 -5.05 -5.53
C GLN B 258 16.79 -4.87 -5.99
N THR B 259 17.70 -5.34 -5.15
CA THR B 259 19.11 -5.51 -5.51
CA THR B 259 19.11 -5.49 -5.43
C THR B 259 19.50 -6.94 -5.18
N GLY B 260 19.99 -7.68 -6.15
N GLY B 260 20.32 -7.47 -6.07
CA GLY B 260 20.17 -9.12 -5.98
CA GLY B 260 21.01 -8.77 -5.91
C GLY B 260 18.97 -9.80 -5.31
C GLY B 260 21.25 -9.22 -4.49
N ASP B 261 19.20 -10.37 -4.13
N ASP B 261 21.30 -8.27 -3.57
CA ASP B 261 18.13 -11.05 -3.43
CA ASP B 261 21.45 -8.58 -2.16
C ASP B 261 17.57 -10.22 -2.28
C ASP B 261 20.16 -8.55 -1.32
N MET B 262 17.95 -8.94 -2.26
N MET B 262 19.14 -7.76 -1.72
CA MET B 262 17.55 -8.04 -1.17
CA MET B 262 17.88 -7.63 -0.91
C MET B 262 16.53 -7.03 -1.67
C MET B 262 16.67 -6.88 -1.56
N TYR B 263 15.55 -6.74 -0.83
CA TYR B 263 14.50 -5.77 -1.16
C TYR B 263 14.58 -4.61 -0.15
N GLN B 264 14.44 -3.40 -0.65
CA GLN B 264 14.56 -2.21 0.19
C GLN B 264 13.15 -1.74 0.57
N GLY B 265 12.88 -1.68 1.87
CA GLY B 265 11.70 -1.01 2.43
C GLY B 265 12.03 0.42 2.85
N LEU B 266 11.22 0.94 3.77
CA LEU B 266 11.46 2.24 4.37
C LEU B 266 12.20 1.94 5.68
N GLY B 267 13.51 2.06 5.64
CA GLY B 267 14.37 1.66 6.77
C GLY B 267 14.65 0.16 6.85
N TRP B 268 13.61 -0.63 7.06
CA TRP B 268 13.69 -2.08 6.96
C TRP B 268 14.25 -2.54 5.59
N GLU B 269 15.01 -3.64 5.64
CA GLU B 269 15.40 -4.43 4.50
C GLU B 269 14.80 -5.85 4.66
N MET B 270 14.51 -6.50 3.54
CA MET B 270 13.80 -7.77 3.53
C MET B 270 14.39 -8.70 2.46
N LEU B 271 14.30 -9.98 2.75
CA LEU B 271 14.61 -11.04 1.81
C LEU B 271 13.50 -12.07 1.97
N ASP B 272 13.26 -12.85 0.93
CA ASP B 272 12.30 -13.95 1.03
C ASP B 272 12.78 -15.01 2.01
N TRP B 273 11.84 -15.52 2.80
CA TRP B 273 12.05 -16.63 3.70
C TRP B 273 11.53 -17.90 3.04
N PRO B 274 12.32 -18.99 3.05
CA PRO B 274 13.60 -19.15 3.72
C PRO B 274 14.73 -18.41 3.01
N VAL B 275 15.63 -17.86 3.82
CA VAL B 275 16.78 -17.11 3.29
CA VAL B 275 16.78 -17.11 3.29
C VAL B 275 17.97 -18.03 3.14
N ASN B 276 18.91 -17.66 2.28
CA ASN B 276 20.21 -18.31 2.24
C ASN B 276 21.06 -17.62 3.32
N PRO B 277 21.38 -18.30 4.45
CA PRO B 277 22.09 -17.59 5.53
C PRO B 277 23.44 -17.03 5.15
N ASP B 278 24.15 -17.76 4.30
CA ASP B 278 25.51 -17.39 3.93
C ASP B 278 25.47 -16.07 3.18
N SER B 279 24.40 -15.88 2.40
CA SER B 279 24.15 -14.65 1.65
CA SER B 279 24.21 -14.67 1.64
C SER B 279 23.90 -13.42 2.53
N ILE B 280 22.97 -13.53 3.47
CA ILE B 280 22.70 -12.36 4.36
C ILE B 280 23.86 -12.09 5.34
N ILE B 281 24.54 -13.14 5.80
CA ILE B 281 25.73 -12.95 6.61
C ILE B 281 26.80 -12.15 5.82
N ASN B 282 27.15 -12.67 4.65
CA ASN B 282 28.13 -12.01 3.78
CA ASN B 282 28.13 -12.05 3.76
C ASN B 282 27.67 -10.65 3.29
N GLY B 283 26.39 -10.54 2.94
CA GLY B 283 25.82 -9.26 2.49
C GLY B 283 25.81 -8.13 3.51
N SER B 284 25.82 -8.49 4.79
CA SER B 284 25.83 -7.54 5.89
C SER B 284 27.19 -6.88 6.13
N ASP B 285 28.24 -7.48 5.58
CA ASP B 285 29.58 -6.89 5.68
C ASP B 285 29.57 -5.54 4.97
N ASN B 286 30.11 -4.52 5.62
CA ASN B 286 30.13 -3.16 5.07
C ASN B 286 30.74 -3.03 3.68
N LYS B 287 31.62 -3.95 3.28
CA LYS B 287 32.15 -3.90 1.91
C LYS B 287 31.07 -4.11 0.87
N ILE B 288 30.01 -4.83 1.21
CA ILE B 288 28.83 -4.97 0.35
C ILE B 288 27.74 -3.98 0.75
N ALA B 289 27.44 -3.95 2.04
CA ALA B 289 26.31 -3.18 2.60
C ALA B 289 26.42 -1.67 2.35
N LEU B 290 27.65 -1.15 2.32
CA LEU B 290 27.85 0.27 2.03
C LEU B 290 28.25 0.57 0.58
N ALA B 291 28.26 -0.45 -0.27
CA ALA B 291 28.62 -0.30 -1.67
C ALA B 291 27.41 0.00 -2.55
N ALA B 292 27.64 0.74 -3.65
CA ALA B 292 26.58 0.97 -4.63
C ALA B 292 26.18 -0.33 -5.33
N ARG B 293 24.87 -0.49 -5.53
CA ARG B 293 24.30 -1.62 -6.24
C ARG B 293 23.19 -1.09 -7.15
N PRO B 294 23.15 -1.58 -8.39
CA PRO B 294 22.03 -1.23 -9.26
C PRO B 294 20.70 -1.73 -8.70
N VAL B 295 19.65 -0.95 -8.89
CA VAL B 295 18.31 -1.33 -8.39
C VAL B 295 17.35 -1.59 -9.54
N LYS B 296 16.50 -2.58 -9.35
CA LYS B 296 15.32 -2.76 -10.20
C LYS B 296 14.13 -2.18 -9.43
N ALA B 297 13.41 -1.26 -10.07
CA ALA B 297 12.18 -0.73 -9.51
C ALA B 297 11.12 -1.81 -9.43
N ILE B 298 10.42 -1.86 -8.31
CA ILE B 298 9.29 -2.76 -8.12
C ILE B 298 8.04 -1.90 -8.31
N THR B 299 7.42 -2.06 -9.47
CA THR B 299 6.42 -1.12 -9.97
C THR B 299 5.07 -1.82 -10.16
N PRO B 300 4.11 -1.65 -9.21
CA PRO B 300 4.20 -0.90 -7.97
C PRO B 300 4.85 -1.74 -6.86
N PRO B 301 5.19 -1.11 -5.73
CA PRO B 301 5.77 -1.85 -4.61
C PRO B 301 4.92 -3.02 -4.13
N THR B 302 5.58 -4.11 -3.80
CA THR B 302 4.88 -5.26 -3.23
C THR B 302 4.49 -4.96 -1.77
N PRO B 303 3.22 -5.25 -1.39
CA PRO B 303 2.87 -5.10 0.03
C PRO B 303 3.75 -6.00 0.89
N ALA B 304 3.88 -5.65 2.16
CA ALA B 304 4.63 -6.44 3.14
C ALA B 304 4.35 -7.93 2.98
N VAL B 305 5.42 -8.67 2.70
CA VAL B 305 5.36 -10.11 2.50
C VAL B 305 5.59 -10.83 3.82
N ARG B 306 4.62 -11.64 4.24
CA ARG B 306 4.72 -12.35 5.50
C ARG B 306 5.90 -13.32 5.56
N ALA B 307 6.13 -14.07 4.48
CA ALA B 307 7.27 -14.97 4.37
C ALA B 307 8.55 -14.20 4.00
N SER B 308 9.02 -13.39 4.95
CA SER B 308 10.20 -12.54 4.78
C SER B 308 11.11 -12.62 5.98
N TRP B 309 12.41 -12.50 5.73
CA TRP B 309 13.37 -12.16 6.77
C TRP B 309 13.51 -10.62 6.69
N VAL B 310 13.06 -9.94 7.75
CA VAL B 310 13.04 -8.50 7.79
C VAL B 310 14.09 -8.10 8.79
N HIS B 311 14.97 -7.19 8.43
CA HIS B 311 16.07 -6.90 9.33
C HIS B 311 16.73 -5.55 9.13
N LYS B 312 17.61 -5.23 10.06
CA LYS B 312 18.40 -4.02 10.04
C LYS B 312 19.57 -4.11 11.04
N THR B 313 20.77 -3.86 10.51
CA THR B 313 21.99 -3.66 11.32
C THR B 313 22.12 -2.16 11.64
N GLY B 314 22.80 -1.85 12.71
CA GLY B 314 23.09 -0.47 13.05
C GLY B 314 24.15 -0.36 14.14
N ALA B 315 25.00 0.66 13.99
CA ALA B 315 26.11 0.89 14.90
C ALA B 315 26.35 2.38 15.10
N THR B 316 26.96 2.69 16.23
CA THR B 316 27.62 3.97 16.42
C THR B 316 29.08 3.65 16.77
N GLY B 317 29.87 4.65 17.08
CA GLY B 317 31.26 4.39 17.46
C GLY B 317 31.44 3.40 18.59
N GLY B 318 30.49 3.37 19.53
CA GLY B 318 30.61 2.52 20.71
C GLY B 318 29.57 1.43 20.85
N PHE B 319 28.67 1.30 19.87
CA PHE B 319 27.58 0.30 19.96
C PHE B 319 27.39 -0.44 18.63
N GLY B 320 26.85 -1.66 18.73
CA GLY B 320 26.49 -2.49 17.58
C GLY B 320 25.18 -3.19 17.90
N SER B 321 24.20 -3.00 17.02
CA SER B 321 22.87 -3.57 17.23
CA SER B 321 22.88 -3.59 17.23
C SER B 321 22.40 -4.31 15.98
N TYR B 322 21.40 -5.17 16.18
CA TYR B 322 20.78 -5.88 15.11
C TYR B 322 19.39 -6.31 15.53
N VAL B 323 18.47 -6.23 14.58
CA VAL B 323 17.10 -6.66 14.76
C VAL B 323 16.72 -7.46 13.53
N ALA B 324 16.09 -8.61 13.72
CA ALA B 324 15.57 -9.43 12.62
C ALA B 324 14.30 -10.13 13.05
N PHE B 325 13.38 -10.33 12.11
CA PHE B 325 12.14 -11.04 12.42
C PHE B 325 11.51 -11.61 11.14
N ILE B 326 10.67 -12.62 11.34
CA ILE B 326 10.01 -13.39 10.27
C ILE B 326 8.52 -13.41 10.60
N PRO B 327 7.76 -12.49 9.98
CA PRO B 327 6.33 -12.33 10.33
C PRO B 327 5.55 -13.63 10.26
N GLU B 328 5.83 -14.40 9.22
CA GLU B 328 5.18 -15.67 9.03
C GLU B 328 5.31 -16.63 10.22
N LYS B 329 6.47 -16.61 10.90
CA LYS B 329 6.78 -17.53 11.99
C LYS B 329 6.53 -16.91 13.37
N GLU B 330 6.09 -15.65 13.41
CA GLU B 330 5.88 -14.90 14.67
C GLU B 330 7.14 -14.92 15.51
N LEU B 331 8.26 -14.77 14.83
CA LEU B 331 9.56 -15.04 15.40
C LEU B 331 10.44 -13.83 15.20
N GLY B 332 11.18 -13.42 16.22
CA GLY B 332 12.10 -12.28 16.03
C GLY B 332 13.20 -12.22 17.07
N ILE B 333 14.16 -11.33 16.84
CA ILE B 333 15.30 -11.16 17.73
C ILE B 333 15.82 -9.71 17.71
N VAL B 334 16.26 -9.26 18.88
CA VAL B 334 16.96 -7.99 19.05
C VAL B 334 18.27 -8.30 19.77
N MET B 335 19.37 -7.76 19.26
CA MET B 335 20.66 -7.88 19.91
C MET B 335 21.25 -6.49 20.05
N LEU B 336 21.44 -6.06 21.30
CA LEU B 336 22.00 -4.75 21.60
C LEU B 336 23.29 -4.93 22.40
N ALA B 337 24.36 -4.30 21.91
CA ALA B 337 25.70 -4.42 22.54
C ALA B 337 26.36 -3.05 22.65
N ASN B 338 27.10 -2.85 23.73
CA ASN B 338 27.87 -1.59 23.87
C ASN B 338 29.32 -1.74 23.39
N LYS B 339 29.46 -2.49 22.32
CA LYS B 339 30.62 -2.42 21.45
C LYS B 339 30.18 -2.60 19.99
N ASN B 340 30.79 -1.84 19.08
CA ASN B 340 30.63 -2.00 17.63
C ASN B 340 31.53 -3.12 17.13
N TYR B 341 30.93 -4.28 16.89
CA TYR B 341 31.60 -5.49 16.39
C TYR B 341 30.99 -5.84 15.02
N PRO B 342 31.71 -6.61 14.19
CA PRO B 342 31.32 -6.75 12.79
C PRO B 342 29.91 -7.24 12.54
N ASN B 343 29.23 -6.60 11.59
CA ASN B 343 27.89 -6.99 11.18
C ASN B 343 27.71 -8.51 10.99
N PRO B 344 28.61 -9.16 10.21
CA PRO B 344 28.37 -10.59 9.94
C PRO B 344 28.32 -11.47 11.18
N ALA B 345 29.01 -11.07 12.24
CA ALA B 345 28.96 -11.81 13.50
C ALA B 345 27.55 -11.72 14.11
N ARG B 346 26.93 -10.56 13.97
CA ARG B 346 25.57 -10.34 14.46
C ARG B 346 24.57 -11.18 13.69
N VAL B 347 24.63 -11.11 12.38
CA VAL B 347 23.68 -11.81 11.53
C VAL B 347 23.83 -13.33 11.69
N ASP B 348 25.07 -13.79 11.78
CA ASP B 348 25.30 -15.21 11.99
C ASP B 348 24.65 -15.73 13.27
N ALA B 349 24.88 -15.04 14.39
CA ALA B 349 24.27 -15.40 15.67
C ALA B 349 22.74 -15.35 15.65
N ALA B 350 22.19 -14.29 15.08
CA ALA B 350 20.74 -14.17 14.93
C ALA B 350 20.18 -15.35 14.16
N TRP B 351 20.88 -15.72 13.09
CA TRP B 351 20.52 -16.85 12.21
CA TRP B 351 20.40 -16.79 12.25
C TRP B 351 20.45 -18.14 12.98
N GLN B 352 21.52 -18.44 13.72
CA GLN B 352 21.59 -19.68 14.51
CA GLN B 352 21.59 -19.67 14.50
C GLN B 352 20.39 -19.80 15.44
N ILE B 353 20.04 -18.69 16.09
CA ILE B 353 18.97 -18.69 17.07
C ILE B 353 17.61 -18.87 16.40
N LEU B 354 17.29 -18.02 15.43
CA LEU B 354 15.95 -18.05 14.80
C LEU B 354 15.74 -19.32 13.96
N ASN B 355 16.80 -19.81 13.29
CA ASN B 355 16.72 -21.07 12.55
C ASN B 355 16.44 -22.27 13.45
N ALA B 356 17.04 -22.26 14.64
CA ALA B 356 16.81 -23.32 15.63
C ALA B 356 15.38 -23.32 16.14
N LEU B 357 14.72 -22.16 16.12
CA LEU B 357 13.42 -21.99 16.76
C LEU B 357 12.27 -22.00 15.80
N GLN B 358 12.55 -21.89 14.50
CA GLN B 358 11.49 -21.79 13.49
C GLN B 358 10.90 -23.16 13.28
P PO4 C . -5.64 9.72 3.81
O1 PO4 C . -4.34 9.36 3.09
O2 PO4 C . -6.34 8.43 4.17
O3 PO4 C . -5.36 10.44 5.11
O4 PO4 C . -6.53 10.57 2.94
P PO4 D . 5.57 1.20 -29.53
O1 PO4 D . 6.53 1.40 -28.39
O2 PO4 D . 6.32 0.86 -30.80
O3 PO4 D . 4.63 0.07 -29.19
O4 PO4 D . 4.80 2.47 -29.80
P PO4 E . -46.66 0.39 -18.15
O1 PO4 E . -45.52 1.04 -18.89
O2 PO4 E . -47.54 -0.43 -19.08
O3 PO4 E . -46.09 -0.56 -17.12
O4 PO4 E . -47.49 1.47 -17.50
P PO4 F . -6.21 -17.28 -19.89
O1 PO4 F . -4.82 -17.20 -19.31
O2 PO4 F . -6.23 -18.54 -20.72
O3 PO4 F . -7.26 -17.36 -18.78
O4 PO4 F . -6.54 -16.06 -20.73
CAZ WH6 G . -19.34 0.77 -26.05
CAN WH6 G . -19.45 2.12 -25.68
CAH WH6 G . -20.06 3.03 -26.53
CAG WH6 G . -20.57 2.61 -27.75
CAL WH6 G . -20.48 1.27 -28.13
CAY WH6 G . -19.86 0.35 -27.28
CAM WH6 G . -19.77 -0.99 -27.66
CAI WH6 G . -19.15 -1.91 -26.80
CAJ WH6 G . -18.62 -1.48 -25.59
CAV WH6 G . -18.71 -0.15 -25.19
CAR WH6 G . -18.15 0.24 -23.83
CBC WH6 G . -19.31 0.34 -22.79
CAQ WH6 G . -18.66 0.63 -21.44
CAS WH6 G . -19.69 1.03 -20.41
OAE WH6 G . -19.82 0.27 -19.44
OAA WH6 G . -20.33 2.08 -20.64
N1 WH6 G . -20.02 -0.95 -22.89
CAX WH6 G . -21.21 -1.14 -23.50
OAD WH6 G . -21.91 -0.25 -23.98
CBB WH6 G . -21.53 -2.50 -23.48
CAP WH6 G . -22.62 -3.26 -23.93
CAU WH6 G . -22.63 -4.65 -23.74
CAT WH6 G . -23.80 -5.52 -24.21
OAF WH6 G . -23.54 -6.66 -24.68
OAB WH6 G . -24.95 -5.08 -24.08
CAK WH6 G . -21.57 -5.27 -23.10
CAO WH6 G . -20.48 -4.52 -22.65
CBA WH6 G . -20.46 -3.14 -22.83
CAW WH6 G . -19.54 -2.14 -22.51
OAC WH6 G . -18.46 -2.32 -21.92
S DMS H . -17.38 4.30 -19.78
O DMS H . -17.71 2.95 -18.63
C1 DMS H . -15.61 4.70 -19.70
C2 DMS H . -17.58 3.68 -21.47
P PO4 I . 29.94 9.14 -3.89
O1 PO4 I . 31.41 8.92 -3.64
O2 PO4 I . 29.25 7.98 -4.57
O3 PO4 I . 29.22 9.42 -2.56
O4 PO4 I . 29.81 10.32 -4.81
P PO4 J . 15.10 21.00 6.08
O1 PO4 J . 15.63 19.81 5.33
O2 PO4 J . 13.97 21.66 5.33
O3 PO4 J . 14.61 20.52 7.44
O4 PO4 J . 16.22 22.02 6.30
P PO4 K . 24.51 12.35 -13.23
O1 PO4 K . 25.85 11.75 -12.90
O2 PO4 K . 23.95 11.70 -14.49
O3 PO4 K . 23.55 12.10 -12.10
O4 PO4 K . 24.63 13.84 -13.44
P PO4 L . 25.34 -0.72 7.79
O1 PO4 L . 25.66 -2.15 8.12
O2 PO4 L . 24.81 -0.66 6.34
O3 PO4 L . 24.27 -0.18 8.74
O4 PO4 L . 26.61 0.06 7.98
P PO4 M . 1.58 -11.84 2.06
O1 PO4 M . 2.93 -12.54 2.03
O2 PO4 M . 1.41 -10.89 0.90
O3 PO4 M . 0.46 -12.86 2.13
O4 PO4 M . 1.56 -11.08 3.37
CAZ WH6 N . 30.68 4.13 8.98
CAN WH6 N . 30.74 2.76 8.75
CAH WH6 N . 31.95 2.08 8.71
CAG WH6 N . 33.13 2.78 8.90
CAL WH6 N . 33.10 4.16 9.13
CAY WH6 N . 31.88 4.84 9.18
CAM WH6 N . 31.85 6.21 9.41
CAI WH6 N . 30.64 6.89 9.44
CAJ WH6 N . 29.44 6.19 9.24
CAV WH6 N . 29.45 4.80 9.00
CAR WH6 N . 28.09 4.10 8.82
CBC WH6 N . 27.66 3.44 10.15
CAQ WH6 N . 26.28 2.81 9.92
CAS WH6 N . 25.93 1.78 10.98
OAE WH6 N . 24.87 1.99 11.60
OAA WH6 N . 26.73 0.83 11.17
N1 WH6 N . 27.69 4.49 11.20
CAX WH6 N . 28.59 4.57 12.20
OAD WH6 N . 29.52 3.77 12.43
CBB WH6 N . 28.35 5.70 12.96
CAP WH6 N . 28.96 6.25 14.10
CAU WH6 N . 28.48 7.43 14.66
CAT WH6 N . 29.13 8.05 15.91
OAF WH6 N . 29.12 9.31 16.00
OAB WH6 N . 29.64 7.31 16.77
CAK WH6 N . 27.37 8.05 14.07
CAO WH6 N . 26.76 7.51 12.93
CBA WH6 N . 27.26 6.33 12.38
CAW WH6 N . 26.87 5.55 11.29
OAC WH6 N . 25.92 5.81 10.55
#